data_9M7E
#
_entry.id   9M7E
#
_cell.length_a   97.437
_cell.length_b   97.437
_cell.length_c   403.197
_cell.angle_alpha   90.000
_cell.angle_beta   90.000
_cell.angle_gamma   90.000
#
_symmetry.space_group_name_H-M   'P 43 21 2'
#
loop_
_entity.id
_entity.type
_entity.pdbx_description
1 polymer 'Haloacid dehalogenase superfamily, subfamily IA, variant 3 with third motif having DD or ED'
2 non-polymer 'FARNESYL DIPHOSPHATE'
3 non-polymer 'CALCIUM ION'
4 non-polymer 'SULFATE ION'
5 non-polymer 'CHLORIDE ION'
6 non-polymer 'drimenyl phosphate'
7 water water
#
_entity_poly.entity_id   1
_entity_poly.type   'polypeptide(L)'
_entity_poly.pdbx_seq_one_letter_code
;GSHLTPELITSLQELSQILDRYDTIVFDLGDVLLHWDSVHFTSETKGIDDVRKMVKHPVWQDLEKGLINQEFALTALSCE
LETPCSKLKEMLELSIASLQVNPLMVEVLRVLHKKDKQIYCLSNVDLESFSYLYKQFDFWKYFDGIYVSALLQLRKPNPD
IFQYLISSASINTKSTIFIDDKSENLQEAANFGISTLKYNKDNFEYTAIEGGWPIPLQNMTPEIHKKRTLGEDYLNLRLR
KFPFCKSFVSNNVELIGGEDFSKEIFSTAVILHSYTSLPDDIIASMCHEILNHDGQNKLRWCFYKNEARPDNFPDDLNTT
SMVLSFLLNHNKLTIEKIIPVAEQMIANRNEEGIIQVYFDDNRPRIDAIVAINVLYLMHQIGYGERKELKETEAFVFDFL
ISKEYLKGTRYYPAPDVFLFFLSRLVVDFPDQFEKFHKPLTEMLITRVNCSTFPLERALRIIALKKLGIVNRVDFLKLLD
TQLADGGWPVYGLFIAPRSNTYFGSRELSTAFALEALHILS
;
_entity_poly.pdbx_strand_id   A,B
#
# COMPACT_ATOMS: atom_id res chain seq x y z
N SER A 2 -27.25 -36.60 -19.28
CA SER A 2 -27.70 -36.18 -17.96
C SER A 2 -27.49 -34.67 -17.78
N HIS A 3 -26.84 -34.05 -18.77
CA HIS A 3 -26.61 -32.61 -18.73
C HIS A 3 -27.91 -31.86 -18.96
N LEU A 4 -28.12 -30.80 -18.19
CA LEU A 4 -29.30 -29.98 -18.36
C LEU A 4 -29.37 -29.42 -19.78
N THR A 5 -30.59 -29.25 -20.29
CA THR A 5 -30.82 -28.72 -21.63
C THR A 5 -31.58 -27.40 -21.54
N PRO A 6 -31.05 -26.31 -22.08
CA PRO A 6 -31.69 -24.99 -21.93
C PRO A 6 -32.68 -24.71 -23.05
N GLU A 7 -33.73 -23.98 -22.67
CA GLU A 7 -34.72 -23.53 -23.65
C GLU A 7 -34.09 -22.56 -24.63
N LEU A 8 -34.20 -22.87 -25.92
CA LEU A 8 -33.75 -21.96 -26.96
C LEU A 8 -34.83 -20.92 -27.19
N ILE A 9 -34.59 -19.69 -26.70
CA ILE A 9 -35.55 -18.60 -26.79
C ILE A 9 -35.18 -17.72 -27.98
N THR A 10 -36.12 -17.53 -28.89
CA THR A 10 -35.94 -16.68 -30.07
C THR A 10 -36.96 -15.57 -30.17
N SER A 11 -38.21 -15.83 -29.79
CA SER A 11 -39.24 -14.80 -29.81
C SER A 11 -39.01 -13.81 -28.68
N LEU A 12 -38.83 -12.53 -29.04
CA LEU A 12 -38.74 -11.50 -28.01
C LEU A 12 -40.01 -11.40 -27.19
N GLN A 13 -41.12 -11.96 -27.69
CA GLN A 13 -42.32 -12.04 -26.85
C GLN A 13 -42.09 -12.96 -25.67
N GLU A 14 -41.40 -14.08 -25.88
CA GLU A 14 -41.13 -15.00 -24.79
C GLU A 14 -40.00 -14.50 -23.90
N LEU A 15 -39.04 -13.77 -24.47
CA LEU A 15 -37.94 -13.25 -23.68
C LEU A 15 -38.44 -12.40 -22.51
N SER A 16 -39.49 -11.61 -22.74
CA SER A 16 -40.08 -10.83 -21.65
C SER A 16 -41.01 -11.68 -20.80
N GLN A 17 -41.53 -12.78 -21.33
CA GLN A 17 -42.30 -13.71 -20.51
C GLN A 17 -41.40 -14.38 -19.47
N ILE A 18 -40.24 -14.87 -19.92
CA ILE A 18 -39.28 -15.49 -19.00
C ILE A 18 -38.82 -14.48 -17.96
N LEU A 19 -38.29 -13.34 -18.43
CA LEU A 19 -37.73 -12.35 -17.51
C LEU A 19 -38.77 -11.85 -16.52
N ASP A 20 -40.05 -11.81 -16.91
CA ASP A 20 -41.06 -11.24 -16.03
C ASP A 20 -41.27 -12.06 -14.76
N ARG A 21 -40.91 -13.34 -14.78
CA ARG A 21 -41.10 -14.20 -13.62
C ARG A 21 -40.10 -13.95 -12.51
N TYR A 22 -39.03 -13.20 -12.77
CA TYR A 22 -37.95 -13.02 -11.82
C TYR A 22 -37.99 -11.62 -11.21
N ASP A 23 -37.62 -11.53 -9.94
CA ASP A 23 -37.59 -10.25 -9.24
C ASP A 23 -36.31 -9.48 -9.48
N THR A 24 -35.21 -10.18 -9.74
CA THR A 24 -33.89 -9.55 -9.87
C THR A 24 -33.22 -10.04 -11.15
N ILE A 25 -32.65 -9.11 -11.90
CA ILE A 25 -31.92 -9.42 -13.12
C ILE A 25 -30.55 -8.77 -13.03
N VAL A 26 -29.52 -9.51 -13.44
CA VAL A 26 -28.14 -9.05 -13.39
C VAL A 26 -27.60 -8.98 -14.81
N PHE A 27 -27.09 -7.81 -15.20
CA PHE A 27 -26.57 -7.55 -16.53
C PHE A 27 -25.05 -7.50 -16.51
N ASP A 28 -24.43 -8.08 -17.53
CA ASP A 28 -23.02 -7.86 -17.79
C ASP A 28 -22.88 -6.73 -18.81
N LEU A 29 -21.87 -5.89 -18.62
CA LEU A 29 -21.68 -4.73 -19.50
C LEU A 29 -21.30 -5.15 -20.91
N GLY A 30 -20.09 -5.69 -21.08
CA GLY A 30 -19.60 -5.98 -22.41
C GLY A 30 -20.31 -7.16 -23.04
N ASP A 31 -20.49 -7.08 -24.37
CA ASP A 31 -21.09 -8.11 -25.19
C ASP A 31 -22.54 -8.40 -24.81
N VAL A 32 -23.12 -7.63 -23.91
CA VAL A 32 -24.53 -7.76 -23.55
C VAL A 32 -25.21 -6.42 -23.75
N LEU A 33 -24.68 -5.38 -23.10
CA LEU A 33 -25.17 -4.02 -23.30
C LEU A 33 -24.26 -3.19 -24.19
N LEU A 34 -23.03 -3.63 -24.44
CA LEU A 34 -22.09 -2.91 -25.27
C LEU A 34 -21.40 -3.88 -26.22
N HIS A 35 -20.89 -3.33 -27.32
CA HIS A 35 -20.05 -4.08 -28.24
C HIS A 35 -19.00 -3.13 -28.80
N TRP A 36 -18.00 -3.70 -29.46
CA TRP A 36 -16.83 -2.91 -29.85
C TRP A 36 -16.02 -3.70 -30.87
N ASP A 37 -15.17 -2.98 -31.61
CA ASP A 37 -14.26 -3.57 -32.58
C ASP A 37 -12.91 -3.80 -31.94
N SER A 38 -12.35 -5.00 -32.15
CA SER A 38 -11.11 -5.40 -31.50
C SER A 38 -9.88 -5.19 -32.36
N VAL A 39 -9.97 -5.42 -33.66
CA VAL A 39 -8.81 -5.42 -34.54
C VAL A 39 -8.58 -4.00 -35.08
N HIS A 40 -7.34 -3.54 -35.04
CA HIS A 40 -6.98 -2.24 -35.58
C HIS A 40 -5.55 -2.33 -36.12
N PHE A 41 -5.43 -2.48 -37.44
CA PHE A 41 -4.13 -2.43 -38.09
C PHE A 41 -3.63 -1.00 -38.14
N THR A 42 -2.86 -0.58 -37.14
CA THR A 42 -2.37 0.78 -37.07
C THR A 42 -1.16 0.95 -38.00
N SER A 43 -0.48 2.08 -37.89
CA SER A 43 0.72 2.36 -38.69
C SER A 43 1.96 1.77 -38.04
N GLU A 44 1.90 0.48 -37.71
CA GLU A 44 3.03 -0.21 -37.08
C GLU A 44 3.24 -1.58 -37.70
N THR A 45 2.20 -2.41 -37.72
CA THR A 45 2.27 -3.75 -38.31
C THR A 45 3.09 -4.70 -37.45
N LYS A 46 3.90 -4.14 -36.55
CA LYS A 46 4.81 -4.94 -35.73
C LYS A 46 4.09 -5.42 -34.47
N GLY A 47 3.92 -6.72 -34.34
CA GLY A 47 3.40 -7.30 -33.13
C GLY A 47 1.94 -7.72 -33.20
N ILE A 48 1.20 -7.45 -32.14
CA ILE A 48 -0.20 -7.85 -32.03
C ILE A 48 -1.07 -6.91 -32.85
N ASP A 49 -2.16 -7.46 -33.41
CA ASP A 49 -3.17 -6.67 -34.09
C ASP A 49 -4.55 -6.74 -33.46
N ASP A 50 -4.79 -7.70 -32.57
CA ASP A 50 -6.10 -7.92 -31.97
C ASP A 50 -6.05 -7.58 -30.50
N VAL A 51 -6.82 -6.57 -30.09
CA VAL A 51 -6.94 -6.23 -28.67
C VAL A 51 -7.52 -7.39 -27.88
N ARG A 52 -8.20 -8.33 -28.56
CA ARG A 52 -8.66 -9.54 -27.87
C ARG A 52 -7.51 -10.25 -27.17
N LYS A 53 -6.30 -10.14 -27.72
CA LYS A 53 -5.13 -10.76 -27.11
C LYS A 53 -4.59 -9.97 -25.91
N MET A 54 -4.91 -8.68 -25.82
CA MET A 54 -4.57 -7.93 -24.62
C MET A 54 -5.49 -8.30 -23.46
N VAL A 55 -6.80 -8.39 -23.71
CA VAL A 55 -7.73 -8.78 -22.67
C VAL A 55 -7.54 -10.24 -22.30
N LYS A 56 -7.07 -11.05 -23.25
CA LYS A 56 -6.87 -12.48 -23.00
C LYS A 56 -5.70 -12.74 -22.08
N HIS A 57 -4.75 -11.82 -21.99
CA HIS A 57 -3.53 -12.05 -21.23
C HIS A 57 -3.79 -11.98 -19.73
N PRO A 58 -3.01 -12.70 -18.92
CA PRO A 58 -3.23 -12.67 -17.47
C PRO A 58 -3.08 -11.28 -16.86
N VAL A 59 -2.11 -10.49 -17.33
CA VAL A 59 -1.88 -9.16 -16.75
C VAL A 59 -3.16 -8.34 -16.78
N TRP A 60 -4.07 -8.63 -17.71
CA TRP A 60 -5.34 -7.92 -17.76
C TRP A 60 -6.13 -8.10 -16.47
N GLN A 61 -6.04 -9.27 -15.85
CA GLN A 61 -6.74 -9.51 -14.59
C GLN A 61 -6.29 -8.50 -13.53
N ASP A 62 -4.99 -8.21 -13.48
CA ASP A 62 -4.50 -7.20 -12.54
C ASP A 62 -5.05 -5.82 -12.87
N LEU A 63 -5.31 -5.55 -14.15
CA LEU A 63 -5.93 -4.29 -14.54
C LEU A 63 -7.41 -4.27 -14.16
N GLU A 64 -8.12 -5.37 -14.40
CA GLU A 64 -9.55 -5.41 -14.09
C GLU A 64 -9.82 -5.25 -12.60
N LYS A 65 -8.91 -5.73 -11.76
CA LYS A 65 -9.08 -5.66 -10.31
C LYS A 65 -8.53 -4.39 -9.70
N GLY A 66 -8.21 -3.39 -10.52
CA GLY A 66 -7.71 -2.13 -10.01
C GLY A 66 -6.35 -2.19 -9.36
N LEU A 67 -5.63 -3.31 -9.47
CA LEU A 67 -4.30 -3.38 -8.90
C LEU A 67 -3.31 -2.52 -9.68
N ILE A 68 -3.49 -2.40 -10.99
CA ILE A 68 -2.66 -1.55 -11.83
C ILE A 68 -3.58 -0.71 -12.72
N ASN A 69 -3.01 0.34 -13.29
CA ASN A 69 -3.72 1.17 -14.25
C ASN A 69 -3.35 0.73 -15.67
N GLN A 70 -3.93 1.41 -16.66
CA GLN A 70 -3.71 1.02 -18.05
C GLN A 70 -2.26 1.26 -18.46
N GLU A 71 -1.72 2.44 -18.16
CA GLU A 71 -0.32 2.72 -18.47
C GLU A 71 0.58 1.61 -17.94
N PHE A 72 0.34 1.18 -16.69
CA PHE A 72 1.12 0.09 -16.11
C PHE A 72 0.89 -1.21 -16.88
N ALA A 73 -0.37 -1.60 -17.05
CA ALA A 73 -0.66 -2.87 -17.71
C ALA A 73 -0.13 -2.89 -19.14
N LEU A 74 -0.02 -1.73 -19.78
CA LEU A 74 0.42 -1.70 -21.16
C LEU A 74 1.93 -1.93 -21.27
N THR A 75 2.72 -1.19 -20.49
CA THR A 75 4.16 -1.40 -20.53
C THR A 75 4.53 -2.84 -20.20
N ALA A 76 3.70 -3.55 -19.44
CA ALA A 76 3.94 -4.97 -19.18
C ALA A 76 3.59 -5.81 -20.41
N LEU A 77 2.40 -5.62 -20.97
CA LEU A 77 2.03 -6.33 -22.20
C LEU A 77 2.93 -5.91 -23.35
N SER A 78 3.45 -4.67 -23.31
CA SER A 78 4.45 -4.25 -24.27
C SER A 78 5.59 -5.25 -24.35
N CYS A 79 5.97 -5.83 -23.20
CA CYS A 79 7.05 -6.80 -23.16
C CYS A 79 6.55 -8.20 -23.51
N GLU A 80 5.43 -8.62 -22.93
CA GLU A 80 4.95 -9.98 -23.15
C GLU A 80 4.55 -10.19 -24.61
N LEU A 81 3.73 -9.29 -25.16
CA LEU A 81 3.21 -9.44 -26.51
C LEU A 81 4.18 -8.95 -27.59
N GLU A 82 5.32 -8.39 -27.20
CA GLU A 82 6.33 -7.91 -28.15
C GLU A 82 5.73 -6.89 -29.11
N THR A 83 4.97 -5.94 -28.55
CA THR A 83 4.34 -4.87 -29.31
C THR A 83 4.75 -3.55 -28.68
N PRO A 84 5.13 -2.56 -29.48
CA PRO A 84 5.60 -1.29 -28.90
C PRO A 84 4.55 -0.70 -27.96
N CYS A 85 5.04 0.03 -26.94
CA CYS A 85 4.15 0.61 -25.95
C CYS A 85 3.11 1.51 -26.62
N SER A 86 3.56 2.37 -27.54
CA SER A 86 2.66 3.35 -28.15
C SER A 86 1.65 2.72 -29.08
N LYS A 87 1.92 1.52 -29.63
CA LYS A 87 0.94 0.89 -30.49
C LYS A 87 -0.19 0.25 -29.69
N LEU A 88 0.14 -0.43 -28.59
CA LEU A 88 -0.90 -1.01 -27.75
C LEU A 88 -1.83 0.06 -27.20
N LYS A 89 -1.32 1.27 -26.96
CA LYS A 89 -2.16 2.36 -26.49
C LYS A 89 -3.14 2.79 -27.56
N GLU A 90 -2.66 2.98 -28.80
CA GLU A 90 -3.56 3.31 -29.90
C GLU A 90 -4.66 2.26 -30.04
N MET A 91 -4.28 0.98 -30.05
CA MET A 91 -5.26 -0.08 -30.25
C MET A 91 -6.35 -0.03 -29.19
N LEU A 92 -5.97 0.16 -27.92
CA LEU A 92 -6.96 0.22 -26.87
C LEU A 92 -7.88 1.42 -27.03
N GLU A 93 -7.34 2.55 -27.49
CA GLU A 93 -8.16 3.75 -27.65
C GLU A 93 -9.15 3.60 -28.80
N LEU A 94 -8.68 3.09 -29.94
CA LEU A 94 -9.60 2.82 -31.04
C LEU A 94 -10.69 1.85 -30.61
N SER A 95 -10.32 0.85 -29.82
CA SER A 95 -11.33 -0.10 -29.32
C SER A 95 -12.37 0.61 -28.46
N ILE A 96 -11.91 1.45 -27.52
CA ILE A 96 -12.84 2.15 -26.64
C ILE A 96 -13.73 3.08 -27.46
N ALA A 97 -13.18 3.71 -28.50
CA ALA A 97 -13.94 4.66 -29.28
C ALA A 97 -15.05 3.98 -30.09
N SER A 98 -14.82 2.74 -30.54
CA SER A 98 -15.85 2.00 -31.26
C SER A 98 -16.97 1.50 -30.34
N LEU A 99 -16.86 1.73 -29.04
CA LEU A 99 -17.87 1.25 -28.10
C LEU A 99 -19.24 1.82 -28.46
N GLN A 100 -20.24 0.94 -28.54
CA GLN A 100 -21.60 1.34 -28.83
C GLN A 100 -22.56 0.51 -27.98
N VAL A 101 -23.75 1.07 -27.80
CA VAL A 101 -24.81 0.35 -27.11
C VAL A 101 -25.31 -0.79 -27.98
N ASN A 102 -25.81 -1.85 -27.34
CA ASN A 102 -26.56 -2.87 -28.06
C ASN A 102 -28.04 -2.53 -27.91
N PRO A 103 -28.68 -1.96 -28.94
CA PRO A 103 -30.04 -1.43 -28.74
C PRO A 103 -31.01 -2.45 -28.19
N LEU A 104 -30.98 -3.69 -28.68
CA LEU A 104 -31.90 -4.71 -28.20
C LEU A 104 -31.84 -4.84 -26.69
N MET A 105 -30.63 -4.98 -26.14
CA MET A 105 -30.50 -5.26 -24.71
C MET A 105 -30.75 -4.02 -23.87
N VAL A 106 -30.31 -2.86 -24.32
CA VAL A 106 -30.56 -1.64 -23.56
C VAL A 106 -32.04 -1.34 -23.49
N GLU A 107 -32.82 -1.78 -24.48
CA GLU A 107 -34.27 -1.67 -24.38
C GLU A 107 -34.82 -2.67 -23.36
N VAL A 108 -34.29 -3.90 -23.37
CA VAL A 108 -34.64 -4.88 -22.33
C VAL A 108 -34.39 -4.29 -20.95
N LEU A 109 -33.27 -3.60 -20.80
CA LEU A 109 -32.95 -2.96 -19.52
C LEU A 109 -34.01 -1.93 -19.15
N ARG A 110 -34.33 -1.03 -20.08
CA ARG A 110 -35.29 0.03 -19.78
C ARG A 110 -36.65 -0.53 -19.41
N VAL A 111 -37.12 -1.54 -20.16
CA VAL A 111 -38.43 -2.14 -19.85
C VAL A 111 -38.42 -2.75 -18.47
N LEU A 112 -37.36 -3.50 -18.15
CA LEU A 112 -37.28 -4.13 -16.83
C LEU A 112 -37.21 -3.10 -15.71
N HIS A 113 -36.64 -1.93 -15.98
CA HIS A 113 -36.68 -0.85 -14.99
C HIS A 113 -38.05 -0.20 -14.92
N LYS A 114 -38.77 -0.14 -16.04
CA LYS A 114 -40.11 0.43 -16.00
C LYS A 114 -41.05 -0.45 -15.17
N LYS A 115 -40.92 -1.78 -15.31
CA LYS A 115 -41.70 -2.72 -14.51
C LYS A 115 -41.23 -2.79 -13.06
N ASP A 116 -40.36 -1.87 -12.67
CA ASP A 116 -39.88 -1.77 -11.30
C ASP A 116 -39.31 -3.09 -10.81
N LYS A 117 -38.36 -3.63 -11.58
CA LYS A 117 -37.61 -4.81 -11.19
C LYS A 117 -36.41 -4.40 -10.34
N GLN A 118 -35.67 -5.39 -9.86
CA GLN A 118 -34.38 -5.19 -9.21
C GLN A 118 -33.30 -5.58 -10.21
N ILE A 119 -32.58 -4.59 -10.72
CA ILE A 119 -31.58 -4.80 -11.77
C ILE A 119 -30.22 -4.42 -11.22
N TYR A 120 -29.22 -5.27 -11.45
CA TYR A 120 -27.86 -5.02 -11.01
C TYR A 120 -26.90 -5.25 -12.16
N CYS A 121 -25.75 -4.59 -12.10
CA CYS A 121 -24.71 -4.70 -13.11
C CYS A 121 -23.47 -5.33 -12.51
N LEU A 122 -23.07 -6.49 -13.04
CA LEU A 122 -21.87 -7.20 -12.61
C LEU A 122 -20.95 -7.34 -13.82
N SER A 123 -19.79 -6.69 -13.78
CA SER A 123 -18.91 -6.67 -14.93
C SER A 123 -17.47 -6.45 -14.49
N ASN A 124 -16.54 -7.01 -15.27
CA ASN A 124 -15.12 -6.72 -15.11
C ASN A 124 -14.77 -5.51 -15.96
N VAL A 125 -14.33 -4.43 -15.32
CA VAL A 125 -13.94 -3.22 -16.01
C VAL A 125 -12.84 -2.52 -15.23
N ASP A 126 -11.73 -2.21 -15.90
CA ASP A 126 -10.69 -1.45 -15.23
C ASP A 126 -11.21 -0.07 -14.85
N LEU A 127 -10.65 0.49 -13.78
CA LEU A 127 -11.20 1.71 -13.20
C LEU A 127 -11.28 2.84 -14.23
N GLU A 128 -10.19 3.08 -14.96
CA GLU A 128 -10.18 4.18 -15.91
C GLU A 128 -11.25 4.01 -16.98
N SER A 129 -11.48 2.77 -17.42
CA SER A 129 -12.52 2.52 -18.41
C SER A 129 -13.91 2.72 -17.82
N PHE A 130 -14.10 2.34 -16.55
CA PHE A 130 -15.41 2.50 -15.92
C PHE A 130 -15.78 3.97 -15.80
N SER A 131 -14.85 4.81 -15.37
CA SER A 131 -15.09 6.24 -15.35
C SER A 131 -15.53 6.73 -16.72
N TYR A 132 -14.91 6.21 -17.78
CA TYR A 132 -15.23 6.65 -19.13
C TYR A 132 -16.63 6.22 -19.54
N LEU A 133 -16.99 4.95 -19.28
CA LEU A 133 -18.29 4.45 -19.70
C LEU A 133 -19.43 5.16 -18.98
N TYR A 134 -19.25 5.47 -17.69
CA TYR A 134 -20.31 6.17 -16.96
C TYR A 134 -20.63 7.51 -17.59
N LYS A 135 -19.62 8.15 -18.20
CA LYS A 135 -19.83 9.43 -18.85
C LYS A 135 -20.42 9.26 -20.25
N GLN A 136 -19.97 8.23 -20.98
CA GLN A 136 -20.35 8.09 -22.38
C GLN A 136 -21.80 7.66 -22.54
N PHE A 137 -22.26 6.71 -21.72
CA PHE A 137 -23.57 6.11 -21.90
C PHE A 137 -24.47 6.49 -20.74
N ASP A 138 -25.78 6.25 -20.94
CA ASP A 138 -26.80 6.82 -20.07
C ASP A 138 -27.79 5.77 -19.57
N PHE A 139 -27.44 4.50 -19.59
CA PHE A 139 -28.30 3.46 -19.03
C PHE A 139 -28.00 3.17 -17.57
N TRP A 140 -26.98 3.81 -16.98
CA TRP A 140 -26.64 3.55 -15.59
C TRP A 140 -27.81 3.85 -14.65
N LYS A 141 -28.68 4.79 -15.03
CA LYS A 141 -29.84 5.10 -14.21
C LYS A 141 -30.77 3.90 -14.03
N TYR A 142 -30.69 2.90 -14.91
CA TYR A 142 -31.57 1.75 -14.83
C TYR A 142 -31.12 0.71 -13.80
N PHE A 143 -29.93 0.86 -13.23
CA PHE A 143 -29.39 -0.11 -12.28
C PHE A 143 -29.66 0.32 -10.85
N ASP A 144 -30.08 -0.63 -10.03
CA ASP A 144 -30.24 -0.39 -8.60
C ASP A 144 -28.92 -0.45 -7.84
N GLY A 145 -27.84 -0.83 -8.51
CA GLY A 145 -26.54 -0.94 -7.90
C GLY A 145 -25.52 -1.52 -8.86
N ILE A 146 -24.32 -0.94 -8.91
CA ILE A 146 -23.31 -1.30 -9.88
C ILE A 146 -22.12 -1.93 -9.15
N TYR A 147 -21.74 -3.13 -9.59
CA TYR A 147 -20.64 -3.89 -9.00
C TYR A 147 -19.62 -4.13 -10.09
N VAL A 148 -18.57 -3.31 -10.12
CA VAL A 148 -17.52 -3.40 -11.12
C VAL A 148 -16.25 -3.94 -10.47
N SER A 149 -15.53 -4.79 -11.22
CA SER A 149 -14.36 -5.45 -10.66
C SER A 149 -13.37 -4.45 -10.09
N ALA A 150 -13.04 -3.39 -10.85
CA ALA A 150 -12.07 -2.42 -10.38
C ALA A 150 -12.50 -1.78 -9.06
N LEU A 151 -13.80 -1.71 -8.80
CA LEU A 151 -14.30 -1.17 -7.54
C LEU A 151 -14.43 -2.22 -6.44
N LEU A 152 -14.13 -3.48 -6.75
CA LEU A 152 -14.28 -4.56 -5.79
C LEU A 152 -13.00 -5.34 -5.49
N GLN A 153 -11.95 -5.17 -6.30
CA GLN A 153 -10.81 -6.07 -6.24
C GLN A 153 -11.26 -7.52 -6.34
N LEU A 154 -12.20 -7.77 -7.25
CA LEU A 154 -12.73 -9.09 -7.51
C LEU A 154 -13.19 -9.14 -8.95
N ARG A 155 -12.91 -10.24 -9.63
CA ARG A 155 -13.26 -10.37 -11.04
C ARG A 155 -13.98 -11.70 -11.27
N LYS A 156 -14.81 -11.71 -12.31
CA LYS A 156 -15.44 -12.96 -12.72
C LYS A 156 -14.41 -13.83 -13.43
N PRO A 157 -14.59 -15.16 -13.39
CA PRO A 157 -15.70 -15.86 -12.75
C PRO A 157 -15.40 -16.33 -11.32
N ASN A 158 -14.50 -15.64 -10.63
CA ASN A 158 -14.17 -15.99 -9.26
C ASN A 158 -15.45 -16.08 -8.42
N PRO A 159 -15.72 -17.22 -7.78
CA PRO A 159 -16.94 -17.33 -6.96
C PRO A 159 -17.08 -16.23 -5.93
N ASP A 160 -15.96 -15.66 -5.47
CA ASP A 160 -16.02 -14.63 -4.44
C ASP A 160 -16.90 -13.47 -4.87
N ILE A 161 -16.74 -13.00 -6.11
CA ILE A 161 -17.47 -11.83 -6.57
C ILE A 161 -18.97 -12.10 -6.60
N PHE A 162 -19.36 -13.33 -6.95
CA PHE A 162 -20.78 -13.69 -6.89
C PHE A 162 -21.28 -13.70 -5.46
N GLN A 163 -20.51 -14.29 -4.54
CA GLN A 163 -20.92 -14.32 -3.15
C GLN A 163 -21.04 -12.92 -2.56
N TYR A 164 -20.17 -12.00 -3.00
CA TYR A 164 -20.24 -10.64 -2.50
C TYR A 164 -21.46 -9.91 -3.03
N LEU A 165 -21.78 -10.11 -4.31
CA LEU A 165 -22.97 -9.48 -4.88
C LEU A 165 -24.22 -9.92 -4.13
N ILE A 166 -24.39 -11.24 -3.94
CA ILE A 166 -25.57 -11.75 -3.26
C ILE A 166 -25.66 -11.21 -1.85
N SER A 167 -24.52 -11.06 -1.18
CA SER A 167 -24.51 -10.55 0.19
C SER A 167 -24.76 -9.05 0.24
N SER A 168 -24.04 -8.29 -0.59
CA SER A 168 -24.14 -6.83 -0.52
C SER A 168 -25.53 -6.34 -0.84
N ALA A 169 -26.18 -6.96 -1.84
CA ALA A 169 -27.49 -6.53 -2.31
C ALA A 169 -28.64 -7.26 -1.65
N SER A 170 -28.37 -8.22 -0.76
CA SER A 170 -29.42 -9.01 -0.13
C SER A 170 -30.27 -9.71 -1.19
N ILE A 171 -29.60 -10.31 -2.17
CA ILE A 171 -30.27 -10.91 -3.31
C ILE A 171 -30.84 -12.26 -2.92
N ASN A 172 -32.10 -12.51 -3.27
CA ASN A 172 -32.73 -13.81 -3.10
C ASN A 172 -32.54 -14.57 -4.40
N THR A 173 -31.58 -15.49 -4.43
CA THR A 173 -31.18 -16.11 -5.68
C THR A 173 -32.31 -16.93 -6.31
N LYS A 174 -33.31 -17.33 -5.52
CA LYS A 174 -34.43 -18.07 -6.09
C LYS A 174 -35.01 -17.37 -7.31
N SER A 175 -35.36 -16.09 -7.16
CA SER A 175 -35.96 -15.31 -8.23
C SER A 175 -34.96 -14.33 -8.84
N THR A 176 -33.79 -14.84 -9.25
CA THR A 176 -32.74 -14.01 -9.83
C THR A 176 -32.21 -14.70 -11.07
N ILE A 177 -32.07 -13.96 -12.16
CA ILE A 177 -31.56 -14.49 -13.41
C ILE A 177 -30.36 -13.65 -13.86
N PHE A 178 -29.42 -14.31 -14.54
CA PHE A 178 -28.14 -13.72 -14.90
C PHE A 178 -27.99 -13.75 -16.42
N ILE A 179 -27.83 -12.59 -17.03
CA ILE A 179 -27.63 -12.46 -18.47
C ILE A 179 -26.15 -12.25 -18.73
N ASP A 180 -25.56 -13.13 -19.54
CA ASP A 180 -24.14 -13.02 -19.86
C ASP A 180 -23.87 -13.88 -21.09
N ASP A 181 -22.78 -13.54 -21.79
CA ASP A 181 -22.36 -14.33 -22.94
C ASP A 181 -21.33 -15.39 -22.56
N LYS A 182 -20.34 -15.02 -21.74
CA LYS A 182 -19.33 -15.97 -21.31
C LYS A 182 -19.99 -17.14 -20.59
N SER A 183 -19.79 -18.35 -21.12
CA SER A 183 -20.46 -19.52 -20.57
C SER A 183 -19.96 -19.84 -19.16
N GLU A 184 -18.68 -19.56 -18.88
CA GLU A 184 -18.14 -19.90 -17.56
C GLU A 184 -18.68 -18.99 -16.47
N ASN A 185 -18.95 -17.72 -16.79
CA ASN A 185 -19.60 -16.85 -15.81
C ASN A 185 -21.01 -17.35 -15.50
N LEU A 186 -21.69 -17.94 -16.48
CA LEU A 186 -23.02 -18.49 -16.24
C LEU A 186 -22.96 -19.74 -15.38
N GLN A 187 -21.96 -20.60 -15.62
CA GLN A 187 -21.83 -21.81 -14.84
C GLN A 187 -21.66 -21.50 -13.35
N GLU A 188 -20.79 -20.54 -13.04
CA GLU A 188 -20.54 -20.21 -11.64
C GLU A 188 -21.79 -19.65 -10.98
N ALA A 189 -22.54 -18.79 -11.68
CA ALA A 189 -23.77 -18.26 -11.14
C ALA A 189 -24.81 -19.37 -10.92
N ALA A 190 -24.85 -20.35 -11.82
CA ALA A 190 -25.81 -21.45 -11.66
C ALA A 190 -25.52 -22.25 -10.39
N ASN A 191 -24.27 -22.30 -9.96
CA ASN A 191 -23.90 -22.99 -8.73
C ASN A 191 -24.21 -22.18 -7.48
N PHE A 192 -24.74 -20.96 -7.63
CA PHE A 192 -25.25 -20.19 -6.51
C PHE A 192 -26.78 -20.21 -6.46
N GLY A 193 -27.42 -21.00 -7.31
CA GLY A 193 -28.86 -21.04 -7.39
C GLY A 193 -29.49 -19.97 -8.26
N ILE A 194 -28.71 -19.32 -9.12
CA ILE A 194 -29.19 -18.23 -9.97
C ILE A 194 -29.46 -18.77 -11.36
N SER A 195 -30.67 -18.54 -11.87
CA SER A 195 -31.00 -18.96 -13.22
C SER A 195 -30.22 -18.16 -14.25
N THR A 196 -29.85 -18.81 -15.34
CA THR A 196 -28.95 -18.24 -16.32
C THR A 196 -29.65 -18.00 -17.65
N LEU A 197 -29.14 -17.04 -18.41
CA LEU A 197 -29.67 -16.71 -19.73
C LEU A 197 -28.49 -16.26 -20.60
N LYS A 198 -28.02 -17.16 -21.46
CA LYS A 198 -26.84 -16.88 -22.28
C LYS A 198 -27.23 -16.06 -23.49
N TYR A 199 -26.52 -14.95 -23.71
CA TYR A 199 -26.79 -14.06 -24.83
C TYR A 199 -25.93 -14.46 -26.01
N ASN A 200 -26.56 -14.84 -27.11
CA ASN A 200 -25.89 -15.20 -28.35
C ASN A 200 -26.37 -14.28 -29.48
N LYS A 201 -25.89 -14.55 -30.68
CA LYS A 201 -26.36 -13.86 -31.87
C LYS A 201 -27.55 -14.62 -32.43
N ASP A 202 -28.75 -14.08 -32.22
CA ASP A 202 -29.98 -14.69 -32.71
C ASP A 202 -30.34 -15.94 -31.90
N ASN A 203 -30.15 -15.88 -30.58
CA ASN A 203 -30.41 -17.04 -29.74
C ASN A 203 -30.15 -16.75 -28.26
N PHE A 204 -31.18 -16.90 -27.43
CA PHE A 204 -31.04 -16.87 -25.99
C PHE A 204 -31.11 -18.29 -25.44
N GLU A 205 -30.29 -18.57 -24.43
CA GLU A 205 -30.29 -19.86 -23.76
C GLU A 205 -30.75 -19.67 -22.31
N TYR A 206 -31.98 -20.08 -22.02
CA TYR A 206 -32.58 -19.94 -20.71
C TYR A 206 -32.48 -21.26 -19.96
N THR A 207 -32.05 -21.18 -18.70
CA THR A 207 -31.85 -22.37 -17.88
C THR A 207 -32.36 -22.08 -16.47
N ALA A 208 -33.57 -22.57 -16.17
CA ALA A 208 -34.11 -22.40 -14.83
C ALA A 208 -33.27 -23.18 -13.83
N ILE A 209 -33.00 -22.55 -12.68
CA ILE A 209 -32.17 -23.14 -11.64
C ILE A 209 -32.98 -23.11 -10.34
N GLU A 210 -33.43 -24.29 -9.90
CA GLU A 210 -34.15 -24.39 -8.64
C GLU A 210 -33.34 -23.79 -7.50
N GLY A 211 -32.09 -24.21 -7.37
CA GLY A 211 -31.26 -23.70 -6.29
C GLY A 211 -31.68 -24.26 -4.95
N GLY A 212 -31.37 -23.50 -3.89
CA GLY A 212 -31.68 -23.87 -2.53
C GLY A 212 -30.46 -24.27 -1.71
N TRP A 213 -29.44 -24.83 -2.36
CA TRP A 213 -28.23 -25.22 -1.65
C TRP A 213 -27.49 -23.97 -1.16
N PRO A 214 -27.17 -23.89 0.14
CA PRO A 214 -26.51 -22.73 0.76
C PRO A 214 -25.25 -22.30 0.01
N GLN A 218 -20.86 -12.87 3.97
CA GLN A 218 -19.85 -13.47 3.12
C GLN A 218 -18.87 -14.32 3.95
N ASN A 219 -17.57 -14.04 3.82
CA ASN A 219 -16.54 -14.74 4.57
C ASN A 219 -15.50 -13.81 5.18
N MET A 220 -15.56 -12.52 4.89
CA MET A 220 -14.80 -11.51 5.63
C MET A 220 -15.64 -10.87 6.73
N THR A 221 -16.90 -11.26 6.87
CA THR A 221 -17.80 -10.56 7.79
C THR A 221 -17.37 -10.72 9.24
N PRO A 222 -16.98 -11.91 9.72
CA PRO A 222 -16.53 -12.01 11.11
C PRO A 222 -15.47 -10.98 11.47
N GLU A 223 -14.43 -10.87 10.64
CA GLU A 223 -13.42 -9.83 10.85
C GLU A 223 -14.04 -8.43 10.85
N ILE A 224 -15.11 -8.24 10.08
CA ILE A 224 -15.70 -6.92 9.93
C ILE A 224 -16.57 -6.58 11.15
N HIS A 225 -17.45 -7.49 11.55
CA HIS A 225 -18.29 -7.24 12.71
C HIS A 225 -17.45 -6.93 13.94
N LYS A 226 -16.34 -7.65 14.11
CA LYS A 226 -15.45 -7.39 15.24
C LYS A 226 -14.88 -5.97 15.16
N LYS A 227 -14.32 -5.59 14.01
CA LYS A 227 -13.70 -4.29 13.89
C LYS A 227 -14.73 -3.16 13.95
N ARG A 228 -15.96 -3.41 13.48
CA ARG A 228 -16.99 -2.39 13.59
C ARG A 228 -17.39 -2.17 15.04
N THR A 229 -17.57 -3.26 15.80
CA THR A 229 -17.92 -3.12 17.21
C THR A 229 -16.82 -2.40 17.98
N LEU A 230 -15.56 -2.71 17.68
CA LEU A 230 -14.46 -2.06 18.39
C LEU A 230 -14.44 -0.56 18.13
N GLY A 231 -14.64 -0.16 16.88
CA GLY A 231 -14.68 1.26 16.57
C GLY A 231 -15.90 1.95 17.16
N GLU A 232 -17.05 1.28 17.13
CA GLU A 232 -18.24 1.81 17.79
C GLU A 232 -17.96 2.13 19.25
N ASP A 233 -17.39 1.15 19.98
CA ASP A 233 -17.10 1.35 21.39
C ASP A 233 -16.15 2.53 21.60
N TYR A 234 -15.11 2.63 20.78
CA TYR A 234 -14.15 3.72 20.94
C TYR A 234 -14.81 5.08 20.76
N LEU A 235 -15.64 5.23 19.73
CA LEU A 235 -16.25 6.53 19.46
C LEU A 235 -17.25 6.90 20.54
N ASN A 236 -18.14 5.96 20.90
CA ASN A 236 -19.15 6.26 21.92
C ASN A 236 -18.50 6.65 23.24
N LEU A 237 -17.41 5.98 23.60
CA LEU A 237 -16.71 6.31 24.83
C LEU A 237 -16.10 7.70 24.75
N ARG A 238 -15.46 8.03 23.63
CA ARG A 238 -14.88 9.36 23.46
C ARG A 238 -15.96 10.44 23.46
N LEU A 239 -17.02 10.24 22.67
CA LEU A 239 -18.07 11.25 22.59
C LEU A 239 -18.83 11.37 23.90
N ARG A 240 -18.96 10.28 24.67
CA ARG A 240 -19.64 10.37 25.96
C ARG A 240 -18.80 11.08 27.00
N LYS A 241 -17.47 11.05 26.85
CA LYS A 241 -16.60 11.78 27.75
C LYS A 241 -16.39 13.22 27.30
N PHE A 242 -16.55 13.50 26.01
CA PHE A 242 -16.39 14.84 25.46
C PHE A 242 -17.46 15.06 24.40
N PRO A 243 -18.70 15.28 24.80
CA PRO A 243 -19.76 15.52 23.81
C PRO A 243 -19.51 16.75 22.95
N PHE A 244 -18.79 17.74 23.47
CA PHE A 244 -18.26 18.83 22.66
C PHE A 244 -17.01 18.30 21.98
N CYS A 245 -17.17 17.87 20.72
CA CYS A 245 -16.12 17.14 20.03
C CYS A 245 -14.79 17.87 20.09
N LYS A 246 -13.78 17.21 20.66
CA LYS A 246 -12.45 17.79 20.79
C LYS A 246 -11.81 17.97 19.42
N SER A 247 -10.66 18.64 19.41
CA SER A 247 -9.97 18.95 18.17
C SER A 247 -8.54 19.34 18.48
N PHE A 248 -7.63 18.97 17.58
CA PHE A 248 -6.22 19.31 17.68
C PHE A 248 -5.82 20.17 16.49
N VAL A 249 -4.69 20.87 16.65
CA VAL A 249 -4.21 21.81 15.64
C VAL A 249 -2.73 21.57 15.40
N SER A 250 -2.28 21.85 14.17
CA SER A 250 -0.88 21.69 13.80
C SER A 250 -0.61 22.21 12.40
N ASN A 251 0.59 21.94 11.88
CA ASN A 251 1.03 22.47 10.59
C ASN A 251 0.79 21.51 9.43
N ASN A 252 0.19 20.35 9.67
CA ASN A 252 0.06 19.34 8.64
C ASN A 252 -1.27 18.61 8.79
N VAL A 253 -1.77 18.08 7.66
CA VAL A 253 -2.98 17.26 7.69
C VAL A 253 -2.79 16.07 8.62
N GLU A 254 -1.57 15.58 8.75
CA GLU A 254 -1.30 14.47 9.67
C GLU A 254 -1.63 14.82 11.11
N LEU A 255 -1.64 16.11 11.44
CA LEU A 255 -1.82 16.54 12.82
C LEU A 255 -0.77 15.91 13.74
N ILE A 256 0.43 15.74 13.19
CA ILE A 256 1.58 15.26 13.96
C ILE A 256 2.11 16.43 14.79
N GLY A 257 2.30 16.20 16.08
CA GLY A 257 2.59 17.30 16.98
C GLY A 257 1.39 18.16 17.28
N GLY A 258 0.19 17.59 17.19
CA GLY A 258 -1.01 18.38 17.40
C GLY A 258 -1.18 18.76 18.86
N GLU A 259 -1.41 20.04 19.09
CA GLU A 259 -1.75 20.53 20.42
C GLU A 259 -3.27 20.55 20.60
N ASP A 260 -3.73 20.23 21.80
CA ASP A 260 -5.15 20.20 22.08
C ASP A 260 -5.74 21.61 21.98
N PHE A 261 -6.87 21.71 21.27
CA PHE A 261 -7.60 22.97 21.17
C PHE A 261 -9.02 22.80 21.69
N SER A 262 -9.87 22.06 20.99
CA SER A 262 -11.18 21.65 21.50
C SER A 262 -12.01 22.85 21.97
N LYS A 263 -11.99 23.93 21.19
CA LYS A 263 -12.78 25.12 21.49
C LYS A 263 -13.61 25.55 20.29
N GLU A 264 -13.82 24.67 19.32
CA GLU A 264 -14.63 24.96 18.16
C GLU A 264 -15.83 24.02 18.12
N ILE A 265 -16.95 24.54 17.62
CA ILE A 265 -18.20 23.78 17.61
C ILE A 265 -18.43 23.03 16.30
N PHE A 266 -17.62 23.26 15.27
CA PHE A 266 -17.88 22.66 13.98
C PHE A 266 -17.73 21.15 14.03
N SER A 267 -16.62 20.66 14.60
CA SER A 267 -16.44 19.21 14.73
C SER A 267 -17.68 18.56 15.30
N THR A 268 -18.27 19.17 16.34
CA THR A 268 -19.48 18.62 16.94
C THR A 268 -20.61 18.54 15.92
N ALA A 269 -20.77 19.60 15.12
CA ALA A 269 -21.86 19.62 14.14
C ALA A 269 -21.61 18.62 13.01
N VAL A 270 -20.36 18.53 12.54
CA VAL A 270 -20.05 17.63 11.43
C VAL A 270 -20.38 16.19 11.82
N ILE A 271 -20.14 15.82 13.08
CA ILE A 271 -20.37 14.44 13.50
C ILE A 271 -21.86 14.17 13.61
N LEU A 272 -22.61 15.11 14.20
CA LEU A 272 -24.07 14.96 14.25
C LEU A 272 -24.65 14.85 12.84
N HIS A 273 -24.07 15.59 11.90
CA HIS A 273 -24.58 15.65 10.54
C HIS A 273 -24.19 14.44 9.71
N SER A 274 -23.09 13.78 10.06
CA SER A 274 -22.48 12.75 9.21
C SER A 274 -22.61 11.34 9.74
N TYR A 275 -22.56 11.13 11.05
CA TYR A 275 -22.68 9.79 11.63
C TYR A 275 -24.13 9.55 12.01
N THR A 276 -24.81 8.69 11.24
CA THR A 276 -26.24 8.48 11.45
C THR A 276 -26.50 7.53 12.62
N SER A 277 -25.64 6.54 12.81
CA SER A 277 -25.85 5.49 13.81
C SER A 277 -25.40 5.89 15.21
N LEU A 278 -25.28 7.18 15.52
CA LEU A 278 -24.87 7.58 16.84
C LEU A 278 -25.91 7.13 17.87
N PRO A 279 -25.48 6.61 19.02
CA PRO A 279 -26.44 6.32 20.10
C PRO A 279 -27.25 7.55 20.46
N ASP A 280 -28.50 7.31 20.87
CA ASP A 280 -29.41 8.43 21.11
C ASP A 280 -28.91 9.35 22.22
N ASP A 281 -28.42 8.78 23.32
CA ASP A 281 -27.97 9.62 24.43
C ASP A 281 -26.84 10.55 24.01
N ILE A 282 -26.01 10.13 23.05
CA ILE A 282 -24.94 11.00 22.55
C ILE A 282 -25.51 12.06 21.63
N ILE A 283 -26.49 11.68 20.79
CA ILE A 283 -27.12 12.65 19.89
C ILE A 283 -27.74 13.78 20.69
N ALA A 284 -28.45 13.45 21.77
CA ALA A 284 -28.97 14.47 22.67
C ALA A 284 -27.84 15.21 23.38
N SER A 285 -26.88 14.45 23.92
CA SER A 285 -25.77 15.08 24.63
C SER A 285 -25.01 16.03 23.72
N MET A 286 -24.73 15.62 22.49
CA MET A 286 -24.01 16.50 21.57
C MET A 286 -24.90 17.62 21.05
N CYS A 287 -26.17 17.32 20.78
CA CYS A 287 -27.08 18.35 20.30
C CYS A 287 -27.17 19.50 21.29
N HIS A 288 -27.21 19.19 22.58
CA HIS A 288 -27.25 20.24 23.59
C HIS A 288 -26.06 21.17 23.46
N GLU A 289 -24.87 20.62 23.22
CA GLU A 289 -23.69 21.46 23.06
C GLU A 289 -23.87 22.45 21.91
N ILE A 290 -24.53 22.02 20.83
CA ILE A 290 -24.74 22.90 19.69
C ILE A 290 -25.70 24.02 20.04
N LEU A 291 -26.79 23.69 20.73
CA LEU A 291 -27.77 24.72 21.07
C LEU A 291 -27.21 25.69 22.10
N ASN A 292 -26.67 25.18 23.20
CA ASN A 292 -26.17 25.99 24.29
C ASN A 292 -24.77 26.53 24.04
N HIS A 293 -24.45 26.86 22.79
CA HIS A 293 -23.10 27.28 22.44
C HIS A 293 -22.88 28.75 22.80
N ASP A 294 -21.61 29.09 23.04
CA ASP A 294 -21.24 30.46 23.40
C ASP A 294 -21.59 31.43 22.29
N GLY A 295 -21.02 31.24 21.10
CA GLY A 295 -21.19 32.18 20.01
C GLY A 295 -22.48 32.00 19.24
N GLN A 296 -23.59 31.80 19.96
CA GLN A 296 -24.91 31.63 19.35
C GLN A 296 -25.69 32.92 19.57
N ASN A 297 -25.59 33.84 18.60
CA ASN A 297 -26.26 35.13 18.65
C ASN A 297 -27.40 35.11 17.62
N LYS A 298 -28.63 35.30 18.11
CA LYS A 298 -29.81 35.12 17.27
C LYS A 298 -29.95 33.64 16.92
N LEU A 299 -29.93 33.33 15.63
CA LEU A 299 -29.81 31.96 15.16
C LEU A 299 -28.62 31.81 14.22
N ARG A 300 -27.57 32.60 14.47
CA ARG A 300 -26.33 32.56 13.72
C ARG A 300 -25.21 32.11 14.64
N TRP A 301 -24.45 31.11 14.21
CA TRP A 301 -23.40 30.53 15.04
C TRP A 301 -22.04 31.11 14.70
N CYS A 302 -21.12 30.98 15.64
CA CYS A 302 -19.72 31.33 15.45
C CYS A 302 -18.86 30.09 15.60
N PHE A 303 -17.76 30.05 14.85
CA PHE A 303 -16.87 28.90 14.88
C PHE A 303 -16.31 28.67 16.29
N TYR A 304 -15.88 29.73 16.96
CA TYR A 304 -15.24 29.64 18.25
C TYR A 304 -16.25 29.68 19.40
N LYS A 305 -15.81 29.22 20.56
CA LYS A 305 -16.43 29.59 21.81
C LYS A 305 -15.96 31.00 22.19
N ASN A 306 -16.83 31.74 22.88
CA ASN A 306 -16.52 33.15 23.16
C ASN A 306 -15.15 33.31 23.79
N GLU A 307 -14.71 32.34 24.61
CA GLU A 307 -13.41 32.47 25.27
C GLU A 307 -12.27 32.44 24.25
N ALA A 308 -12.47 31.80 23.11
CA ALA A 308 -11.44 31.67 22.08
C ALA A 308 -11.71 32.54 20.86
N ARG A 309 -12.79 33.30 20.85
CA ARG A 309 -13.13 34.11 19.69
C ARG A 309 -12.11 35.23 19.52
N PRO A 310 -11.34 35.24 18.43
CA PRO A 310 -10.41 36.36 18.20
C PRO A 310 -11.15 37.69 18.16
N ASP A 311 -10.37 38.76 18.15
CA ASP A 311 -10.95 40.10 18.16
C ASP A 311 -11.80 40.34 16.92
N ASN A 312 -13.09 40.61 17.15
CA ASN A 312 -14.02 40.95 16.07
C ASN A 312 -14.10 39.84 15.02
N PHE A 313 -14.08 38.59 15.48
CA PHE A 313 -14.26 37.47 14.58
C PHE A 313 -15.75 37.20 14.40
N PRO A 314 -16.27 37.26 13.18
CA PRO A 314 -17.72 37.25 12.97
C PRO A 314 -18.29 35.84 12.88
N ASP A 315 -19.61 35.78 12.93
CA ASP A 315 -20.31 34.53 12.64
C ASP A 315 -20.10 34.14 11.19
N ASP A 316 -20.04 32.84 10.93
CA ASP A 316 -19.80 32.32 9.60
C ASP A 316 -21.00 31.51 9.13
N LEU A 317 -21.09 31.34 7.81
CA LEU A 317 -22.23 30.65 7.23
C LEU A 317 -22.05 29.14 7.22
N ASN A 318 -20.82 28.66 7.11
CA ASN A 318 -20.58 27.23 7.08
C ASN A 318 -21.07 26.55 8.36
N THR A 319 -20.78 27.17 9.51
CA THR A 319 -21.29 26.64 10.77
C THR A 319 -22.80 26.83 10.87
N THR A 320 -23.30 28.01 10.51
CA THR A 320 -24.72 28.28 10.61
C THR A 320 -25.53 27.38 9.69
N SER A 321 -25.07 27.21 8.45
CA SER A 321 -25.75 26.33 7.50
C SER A 321 -25.93 24.93 8.08
N MET A 322 -24.83 24.31 8.50
CA MET A 322 -24.89 22.94 8.99
C MET A 322 -25.75 22.84 10.25
N VAL A 323 -25.52 23.75 11.20
CA VAL A 323 -26.26 23.70 12.46
C VAL A 323 -27.75 23.81 12.20
N LEU A 324 -28.16 24.80 11.40
CA LEU A 324 -29.58 24.95 11.07
C LEU A 324 -30.10 23.74 10.31
N SER A 325 -29.38 23.31 9.27
CA SER A 325 -29.79 22.15 8.51
C SER A 325 -30.02 20.94 9.42
N PHE A 326 -29.11 20.72 10.36
CA PHE A 326 -29.27 19.61 11.29
C PHE A 326 -30.47 19.83 12.20
N LEU A 327 -30.57 21.02 12.82
CA LEU A 327 -31.68 21.29 13.71
C LEU A 327 -33.02 21.16 13.01
N LEU A 328 -33.08 21.56 11.73
CA LEU A 328 -34.32 21.43 10.98
C LEU A 328 -34.65 19.96 10.72
N ASN A 329 -33.67 19.19 10.23
CA ASN A 329 -33.91 17.78 9.92
C ASN A 329 -34.24 16.98 11.17
N HIS A 330 -33.94 17.49 12.36
CA HIS A 330 -34.23 16.81 13.61
C HIS A 330 -35.40 17.44 14.37
N ASN A 331 -36.18 18.29 13.70
CA ASN A 331 -37.40 18.85 14.27
C ASN A 331 -37.12 19.59 15.58
N LYS A 332 -35.98 20.26 15.65
CA LYS A 332 -35.65 21.13 16.77
C LYS A 332 -35.71 22.61 16.41
N LEU A 333 -36.08 22.93 15.17
CA LEU A 333 -36.30 24.30 14.74
C LEU A 333 -37.29 24.28 13.58
N THR A 334 -38.10 25.33 13.49
CA THR A 334 -39.09 25.45 12.44
C THR A 334 -38.52 26.26 11.28
N ILE A 335 -38.97 25.92 10.07
CA ILE A 335 -38.59 26.70 8.89
C ILE A 335 -38.93 28.17 9.09
N GLU A 336 -40.03 28.45 9.78
CA GLU A 336 -40.44 29.83 10.02
C GLU A 336 -39.32 30.62 10.71
N LYS A 337 -38.58 29.97 11.60
CA LYS A 337 -37.50 30.63 12.34
C LYS A 337 -36.20 30.70 11.55
N ILE A 338 -36.00 29.79 10.59
CA ILE A 338 -34.74 29.74 9.86
C ILE A 338 -34.74 30.66 8.65
N ILE A 339 -35.89 30.84 8.00
CA ILE A 339 -35.92 31.63 6.75
C ILE A 339 -35.37 33.03 6.95
N PRO A 340 -35.62 33.72 8.06
CA PRO A 340 -34.97 35.04 8.24
C PRO A 340 -33.46 34.98 8.21
N VAL A 341 -32.85 33.91 8.74
CA VAL A 341 -31.40 33.78 8.67
C VAL A 341 -30.95 33.46 7.25
N ALA A 342 -31.72 32.63 6.55
CA ALA A 342 -31.41 32.37 5.15
C ALA A 342 -31.37 33.67 4.35
N GLU A 343 -32.23 34.62 4.68
CA GLU A 343 -32.25 35.90 3.96
C GLU A 343 -30.99 36.70 4.22
N GLN A 344 -30.46 36.65 5.46
CA GLN A 344 -29.18 37.28 5.72
C GLN A 344 -28.09 36.70 4.84
N MET A 345 -28.13 35.38 4.61
CA MET A 345 -27.14 34.75 3.75
C MET A 345 -27.30 35.19 2.31
N ILE A 346 -28.54 35.35 1.84
CA ILE A 346 -28.76 35.85 0.49
C ILE A 346 -28.33 37.30 0.36
N ALA A 347 -28.36 38.05 1.46
CA ALA A 347 -27.86 39.42 1.48
C ALA A 347 -26.34 39.49 1.68
N ASN A 348 -25.64 38.35 1.60
CA ASN A 348 -24.21 38.27 1.85
C ASN A 348 -23.44 37.91 0.59
N ARG A 349 -23.92 38.36 -0.57
CA ARG A 349 -23.31 38.06 -1.86
C ARG A 349 -22.36 39.17 -2.29
N ASN A 350 -21.32 38.77 -3.04
CA ASN A 350 -20.28 39.69 -3.46
C ASN A 350 -20.61 40.27 -4.84
N GLU A 351 -19.63 40.95 -5.45
CA GLU A 351 -19.86 41.60 -6.74
C GLU A 351 -20.39 40.63 -7.79
N GLU A 352 -19.99 39.37 -7.72
CA GLU A 352 -20.39 38.38 -8.71
C GLU A 352 -21.63 37.60 -8.30
N GLY A 353 -22.22 37.91 -7.15
CA GLY A 353 -23.43 37.24 -6.72
C GLY A 353 -23.22 35.95 -5.97
N ILE A 354 -22.02 35.68 -5.47
CA ILE A 354 -21.72 34.46 -4.75
C ILE A 354 -21.89 34.71 -3.25
N ILE A 355 -22.57 33.80 -2.57
CA ILE A 355 -22.77 33.94 -1.13
C ILE A 355 -21.42 33.79 -0.43
N GLN A 356 -21.09 34.78 0.40
CA GLN A 356 -19.80 34.80 1.07
C GLN A 356 -19.85 34.00 2.36
N VAL A 357 -18.67 33.81 2.96
CA VAL A 357 -18.55 32.87 4.06
C VAL A 357 -18.91 33.49 5.41
N TYR A 358 -18.71 34.79 5.57
CA TYR A 358 -18.85 35.42 6.87
C TYR A 358 -20.04 36.38 6.89
N PHE A 359 -20.63 36.53 8.08
CA PHE A 359 -21.58 37.61 8.36
C PHE A 359 -20.79 38.85 8.76
N ASP A 360 -20.07 39.40 7.79
CA ASP A 360 -19.22 40.56 8.01
C ASP A 360 -18.71 41.13 6.70
N ASP A 361 -19.15 42.34 6.35
CA ASP A 361 -18.74 42.94 5.09
C ASP A 361 -17.26 43.32 5.07
N ASN A 362 -16.57 43.26 6.20
CA ASN A 362 -15.15 43.57 6.28
C ASN A 362 -14.27 42.32 6.17
N ARG A 363 -14.86 41.16 5.92
CA ARG A 363 -14.13 39.91 5.81
C ARG A 363 -14.68 39.10 4.63
N PRO A 364 -14.69 39.68 3.44
CA PRO A 364 -15.25 38.97 2.28
C PRO A 364 -14.41 37.76 1.93
N ARG A 365 -15.08 36.66 1.62
CA ARG A 365 -14.41 35.41 1.28
C ARG A 365 -15.46 34.42 0.80
N ILE A 366 -15.03 33.48 -0.04
CA ILE A 366 -15.92 32.49 -0.61
C ILE A 366 -15.25 31.12 -0.56
N ASP A 367 -16.09 30.07 -0.51
CA ASP A 367 -15.60 28.70 -0.43
C ASP A 367 -16.65 27.78 -1.04
N ALA A 368 -16.25 27.01 -2.05
CA ALA A 368 -17.20 26.17 -2.77
C ALA A 368 -17.95 25.21 -1.86
N ILE A 369 -17.30 24.74 -0.80
CA ILE A 369 -17.98 23.82 0.12
C ILE A 369 -18.99 24.59 0.98
N VAL A 370 -18.61 25.77 1.47
CA VAL A 370 -19.56 26.59 2.21
C VAL A 370 -20.74 26.95 1.34
N ALA A 371 -20.49 27.27 0.07
CA ALA A 371 -21.59 27.49 -0.87
C ALA A 371 -22.47 26.25 -0.96
N ILE A 372 -21.84 25.07 -1.03
CA ILE A 372 -22.60 23.82 -1.09
C ILE A 372 -23.51 23.69 0.12
N ASN A 373 -22.95 23.87 1.32
CA ASN A 373 -23.76 23.68 2.53
C ASN A 373 -24.81 24.77 2.68
N VAL A 374 -24.59 25.95 2.10
CA VAL A 374 -25.62 26.98 2.09
C VAL A 374 -26.75 26.60 1.15
N LEU A 375 -26.41 26.18 -0.07
CA LEU A 375 -27.43 25.78 -1.03
C LEU A 375 -28.27 24.62 -0.50
N TYR A 376 -27.67 23.74 0.30
CA TYR A 376 -28.44 22.63 0.86
C TYR A 376 -29.51 23.14 1.80
N LEU A 377 -29.19 24.14 2.62
CA LEU A 377 -30.19 24.71 3.51
C LEU A 377 -31.28 25.42 2.71
N MET A 378 -30.90 26.17 1.67
CA MET A 378 -31.89 26.85 0.85
C MET A 378 -32.92 25.86 0.32
N HIS A 379 -32.47 24.87 -0.48
CA HIS A 379 -33.40 23.90 -1.05
C HIS A 379 -34.15 23.12 0.01
N GLN A 380 -33.62 23.03 1.23
CA GLN A 380 -34.29 22.28 2.29
C GLN A 380 -35.44 23.05 2.92
N ILE A 381 -35.49 24.37 2.73
CA ILE A 381 -36.50 25.22 3.35
C ILE A 381 -37.45 25.83 2.34
N GLY A 382 -37.29 25.54 1.05
CA GLY A 382 -38.16 26.07 0.02
C GLY A 382 -37.55 27.18 -0.81
N TYR A 383 -36.37 27.68 -0.43
CA TYR A 383 -35.67 28.69 -1.21
C TYR A 383 -35.06 28.15 -2.50
N GLY A 384 -35.26 26.87 -2.81
CA GLY A 384 -34.57 26.26 -3.93
C GLY A 384 -34.70 27.01 -5.24
N GLU A 385 -35.78 27.79 -5.39
CA GLU A 385 -36.06 28.49 -6.64
C GLU A 385 -35.66 29.95 -6.61
N ARG A 386 -35.10 30.44 -5.51
CA ARG A 386 -34.80 31.86 -5.40
C ARG A 386 -33.84 32.32 -6.49
N LYS A 387 -34.13 33.49 -7.06
CA LYS A 387 -33.28 34.04 -8.11
C LYS A 387 -31.84 34.19 -7.66
N GLU A 388 -31.63 34.69 -6.44
CA GLU A 388 -30.30 35.06 -5.98
C GLU A 388 -29.35 33.88 -5.83
N LEU A 389 -29.84 32.66 -6.00
CA LEU A 389 -28.99 31.48 -5.88
C LEU A 389 -28.25 31.12 -7.16
N LYS A 390 -28.68 31.64 -8.31
CA LYS A 390 -28.10 31.26 -9.59
C LYS A 390 -26.58 31.35 -9.57
N GLU A 391 -26.04 32.54 -9.27
CA GLU A 391 -24.59 32.72 -9.34
C GLU A 391 -23.86 31.78 -8.39
N THR A 392 -24.40 31.59 -7.17
CA THR A 392 -23.74 30.74 -6.21
C THR A 392 -23.70 29.29 -6.67
N GLU A 393 -24.81 28.80 -7.23
CA GLU A 393 -24.83 27.42 -7.71
C GLU A 393 -23.85 27.22 -8.85
N ALA A 394 -23.78 28.17 -9.78
CA ALA A 394 -22.82 28.07 -10.87
C ALA A 394 -21.39 28.03 -10.35
N PHE A 395 -21.10 28.86 -9.35
CA PHE A 395 -19.78 28.82 -8.70
C PHE A 395 -19.41 27.41 -8.30
N VAL A 396 -20.33 26.70 -7.66
CA VAL A 396 -20.09 25.31 -7.28
C VAL A 396 -19.94 24.43 -8.51
N PHE A 397 -20.75 24.68 -9.54
CA PHE A 397 -20.74 23.82 -10.72
C PHE A 397 -19.43 23.98 -11.50
N ASP A 398 -18.99 25.21 -11.72
CA ASP A 398 -17.71 25.43 -12.39
C ASP A 398 -16.57 24.81 -11.62
N PHE A 399 -16.65 24.84 -10.28
CA PHE A 399 -15.63 24.19 -9.46
C PHE A 399 -15.52 22.71 -9.79
N LEU A 400 -16.65 22.05 -10.09
CA LEU A 400 -16.63 20.63 -10.39
C LEU A 400 -16.22 20.36 -11.83
N ILE A 401 -16.78 21.11 -12.78
CA ILE A 401 -16.52 20.83 -14.19
C ILE A 401 -15.08 21.19 -14.55
N SER A 402 -14.58 22.32 -14.04
CA SER A 402 -13.21 22.73 -14.33
C SER A 402 -12.17 21.88 -13.61
N LYS A 403 -12.59 20.86 -12.88
CA LYS A 403 -11.67 20.01 -12.13
C LYS A 403 -10.79 20.84 -11.19
N GLU A 404 -11.29 22.02 -10.79
CA GLU A 404 -10.60 22.85 -9.84
C GLU A 404 -10.70 22.31 -8.41
N TYR A 405 -11.66 21.42 -8.14
CA TYR A 405 -11.75 20.82 -6.82
C TYR A 405 -10.50 20.03 -6.47
N LEU A 406 -9.69 19.66 -7.47
CA LEU A 406 -8.45 18.94 -7.20
C LEU A 406 -7.44 19.81 -6.44
N LYS A 407 -7.58 21.13 -6.49
CA LYS A 407 -6.75 22.04 -5.72
C LYS A 407 -7.36 22.37 -4.36
N GLY A 408 -8.51 21.78 -4.02
CA GLY A 408 -9.16 22.02 -2.74
C GLY A 408 -9.83 23.37 -2.68
N THR A 409 -10.55 23.59 -1.59
CA THR A 409 -11.22 24.85 -1.32
C THR A 409 -10.37 25.69 -0.39
N ARG A 410 -10.86 26.90 -0.08
CA ARG A 410 -10.09 27.80 0.77
C ARG A 410 -9.86 27.20 2.15
N TYR A 411 -10.87 26.53 2.71
CA TYR A 411 -10.80 25.96 4.04
C TYR A 411 -10.76 24.44 4.05
N TYR A 412 -11.04 23.79 2.93
CA TYR A 412 -10.96 22.33 2.82
C TYR A 412 -9.96 21.98 1.73
N PRO A 413 -8.72 21.61 2.09
CA PRO A 413 -7.72 21.30 1.06
C PRO A 413 -7.89 19.93 0.42
N ALA A 414 -8.62 19.02 1.03
CA ALA A 414 -8.80 17.68 0.46
C ALA A 414 -9.90 17.70 -0.59
N PRO A 415 -9.63 17.31 -1.83
CA PRO A 415 -10.70 17.34 -2.85
C PRO A 415 -11.88 16.44 -2.54
N ASP A 416 -11.62 15.24 -2.01
CA ASP A 416 -12.72 14.32 -1.69
C ASP A 416 -13.74 14.99 -0.77
N VAL A 417 -13.31 15.97 0.03
CA VAL A 417 -14.25 16.66 0.90
C VAL A 417 -15.25 17.46 0.07
N PHE A 418 -14.77 18.15 -0.98
CA PHE A 418 -15.68 18.87 -1.86
C PHE A 418 -16.67 17.92 -2.53
N LEU A 419 -16.16 16.79 -3.06
CA LEU A 419 -17.05 15.84 -3.71
C LEU A 419 -18.07 15.26 -2.74
N PHE A 420 -17.65 14.97 -1.52
CA PHE A 420 -18.56 14.38 -0.55
C PHE A 420 -19.75 15.29 -0.26
N PHE A 421 -19.47 16.53 0.13
CA PHE A 421 -20.56 17.45 0.46
C PHE A 421 -21.45 17.72 -0.76
N LEU A 422 -20.84 17.89 -1.93
CA LEU A 422 -21.63 18.08 -3.14
C LEU A 422 -22.52 16.87 -3.42
N SER A 423 -22.10 15.68 -2.97
CA SER A 423 -22.92 14.49 -3.19
C SER A 423 -24.15 14.50 -2.29
N ARG A 424 -24.05 15.08 -1.09
CA ARG A 424 -25.24 15.26 -0.26
C ARG A 424 -26.27 16.12 -0.98
N LEU A 425 -25.83 17.25 -1.53
CA LEU A 425 -26.72 18.14 -2.25
C LEU A 425 -27.32 17.44 -3.48
N VAL A 426 -26.46 16.87 -4.31
CA VAL A 426 -26.92 16.29 -5.58
C VAL A 426 -27.87 15.13 -5.34
N VAL A 427 -27.61 14.34 -4.30
CA VAL A 427 -28.42 13.14 -4.09
C VAL A 427 -29.71 13.46 -3.33
N ASP A 428 -29.71 14.47 -2.46
CA ASP A 428 -30.87 14.76 -1.64
C ASP A 428 -31.89 15.64 -2.33
N PHE A 429 -31.49 16.38 -3.38
CA PHE A 429 -32.40 17.20 -4.17
C PHE A 429 -32.14 16.90 -5.65
N PRO A 430 -32.44 15.68 -6.09
CA PRO A 430 -32.04 15.29 -7.45
C PRO A 430 -32.70 16.11 -8.55
N ASP A 431 -33.99 16.44 -8.40
CA ASP A 431 -34.69 17.15 -9.46
C ASP A 431 -34.11 18.54 -9.70
N GLN A 432 -33.51 19.14 -8.67
CA GLN A 432 -32.90 20.46 -8.80
C GLN A 432 -31.43 20.40 -9.16
N PHE A 433 -30.84 19.21 -9.32
CA PHE A 433 -29.41 19.08 -9.55
C PHE A 433 -29.08 17.97 -10.54
N GLU A 434 -29.93 17.74 -11.54
CA GLU A 434 -29.71 16.62 -12.45
C GLU A 434 -28.39 16.74 -13.18
N LYS A 435 -28.00 17.96 -13.58
CA LYS A 435 -26.78 18.12 -14.36
C LYS A 435 -25.52 17.88 -13.55
N PHE A 436 -25.62 17.88 -12.22
CA PHE A 436 -24.46 17.62 -11.36
C PHE A 436 -24.13 16.13 -11.26
N HIS A 437 -25.09 15.25 -11.54
CA HIS A 437 -24.94 13.83 -11.23
C HIS A 437 -23.77 13.17 -11.96
N LYS A 438 -23.89 12.99 -13.28
CA LYS A 438 -22.86 12.24 -13.99
C LYS A 438 -21.47 12.84 -13.85
N PRO A 439 -21.29 14.17 -13.93
CA PRO A 439 -19.93 14.70 -13.68
C PRO A 439 -19.41 14.35 -12.29
N LEU A 440 -20.19 14.65 -11.25
CA LEU A 440 -19.77 14.32 -9.89
C LEU A 440 -19.46 12.84 -9.74
N THR A 441 -20.31 11.97 -10.28
CA THR A 441 -20.12 10.54 -10.10
C THR A 441 -18.87 10.05 -10.84
N GLU A 442 -18.66 10.52 -12.07
CA GLU A 442 -17.48 10.09 -12.81
C GLU A 442 -16.20 10.56 -12.11
N MET A 443 -16.23 11.77 -11.53
CA MET A 443 -15.07 12.25 -10.80
C MET A 443 -14.72 11.33 -9.64
N LEU A 444 -15.72 10.93 -8.86
CA LEU A 444 -15.47 10.03 -7.75
C LEU A 444 -14.92 8.69 -8.23
N ILE A 445 -15.38 8.21 -9.37
CA ILE A 445 -14.91 6.91 -9.87
C ILE A 445 -13.40 6.96 -10.12
N THR A 446 -12.92 8.04 -10.73
CA THR A 446 -11.49 8.14 -11.02
C THR A 446 -10.64 8.30 -9.78
N ARG A 447 -11.25 8.58 -8.62
CA ARG A 447 -10.51 8.78 -7.38
C ARG A 447 -10.62 7.61 -6.42
N VAL A 448 -11.11 6.46 -6.88
CA VAL A 448 -11.22 5.30 -6.01
C VAL A 448 -9.81 4.81 -5.65
N ASN A 449 -9.57 4.66 -4.34
CA ASN A 449 -8.27 4.21 -3.84
C ASN A 449 -7.13 5.07 -4.37
N CYS A 450 -7.34 6.38 -4.37
CA CYS A 450 -6.32 7.31 -4.82
C CYS A 450 -5.59 7.99 -3.66
N SER A 451 -6.00 7.73 -2.42
CA SER A 451 -5.30 8.23 -1.24
C SER A 451 -5.53 7.26 -0.10
N THR A 452 -4.67 7.36 0.92
CA THR A 452 -4.66 6.37 2.00
C THR A 452 -5.29 6.87 3.29
N PHE A 453 -5.48 8.17 3.45
CA PHE A 453 -6.06 8.70 4.68
C PHE A 453 -7.42 8.04 4.93
N PRO A 454 -7.63 7.43 6.10
CA PRO A 454 -8.90 6.74 6.35
C PRO A 454 -10.13 7.61 6.08
N LEU A 455 -10.14 8.85 6.59
CA LEU A 455 -11.30 9.71 6.40
C LEU A 455 -11.61 9.89 4.92
N GLU A 456 -10.60 10.23 4.13
CA GLU A 456 -10.80 10.41 2.69
C GLU A 456 -11.34 9.14 2.05
N ARG A 457 -10.85 7.97 2.48
CA ARG A 457 -11.39 6.72 1.96
C ARG A 457 -12.88 6.62 2.25
N ALA A 458 -13.29 6.93 3.48
CA ALA A 458 -14.70 6.83 3.84
C ALA A 458 -15.55 7.77 3.00
N LEU A 459 -15.09 9.01 2.82
CA LEU A 459 -15.87 9.97 2.02
C LEU A 459 -16.20 9.40 0.65
N ARG A 460 -15.22 8.77 -0.02
CA ARG A 460 -15.48 8.19 -1.33
C ARG A 460 -16.40 6.98 -1.21
N ILE A 461 -16.22 6.16 -0.18
CA ILE A 461 -17.10 5.01 0.02
C ILE A 461 -18.53 5.46 0.20
N ILE A 462 -18.75 6.54 0.96
CA ILE A 462 -20.10 7.00 1.23
C ILE A 462 -20.71 7.65 0.00
N ALA A 463 -19.97 8.58 -0.63
CA ALA A 463 -20.50 9.29 -1.78
C ALA A 463 -20.84 8.34 -2.91
N LEU A 464 -19.90 7.47 -3.28
CA LEU A 464 -20.15 6.53 -4.37
C LEU A 464 -21.33 5.61 -4.07
N LYS A 465 -21.53 5.24 -2.80
CA LYS A 465 -22.66 4.39 -2.47
C LYS A 465 -23.98 5.13 -2.64
N LYS A 466 -24.05 6.37 -2.12
CA LYS A 466 -25.25 7.17 -2.31
C LYS A 466 -25.56 7.37 -3.79
N LEU A 467 -24.53 7.40 -4.64
CA LEU A 467 -24.70 7.56 -6.08
C LEU A 467 -24.92 6.24 -6.80
N GLY A 468 -25.03 5.12 -6.07
CA GLY A 468 -25.40 3.85 -6.65
C GLY A 468 -24.27 2.89 -6.96
N ILE A 469 -23.03 3.18 -6.53
CA ILE A 469 -21.87 2.37 -6.84
C ILE A 469 -21.25 1.86 -5.55
N VAL A 470 -20.89 0.58 -5.54
CA VAL A 470 -20.31 -0.06 -4.36
C VAL A 470 -18.78 -0.01 -4.46
N ASN A 471 -18.15 0.67 -3.50
CA ASN A 471 -16.69 0.82 -3.47
C ASN A 471 -16.13 -0.09 -2.38
N ARG A 472 -15.73 -1.29 -2.78
CA ARG A 472 -15.20 -2.25 -1.81
C ARG A 472 -13.71 -2.04 -1.57
N VAL A 473 -12.96 -1.61 -2.59
CA VAL A 473 -11.52 -1.43 -2.44
C VAL A 473 -11.22 -0.53 -1.25
N ASP A 474 -11.68 0.73 -1.31
CA ASP A 474 -11.46 1.63 -0.18
C ASP A 474 -11.98 1.04 1.12
N PHE A 475 -13.04 0.23 1.04
CA PHE A 475 -13.61 -0.37 2.25
C PHE A 475 -12.61 -1.29 2.94
N LEU A 476 -11.94 -2.15 2.17
CA LEU A 476 -10.96 -3.07 2.75
C LEU A 476 -9.81 -2.28 3.38
N LYS A 477 -9.14 -1.46 2.59
CA LYS A 477 -7.99 -0.70 3.09
C LYS A 477 -8.37 0.26 4.21
N LEU A 478 -9.66 0.51 4.42
CA LEU A 478 -10.09 1.27 5.59
C LEU A 478 -9.98 0.44 6.85
N LEU A 479 -10.24 -0.88 6.75
CA LEU A 479 -10.12 -1.74 7.91
C LEU A 479 -8.67 -1.89 8.36
N ASP A 480 -7.72 -1.71 7.44
CA ASP A 480 -6.31 -1.85 7.80
C ASP A 480 -5.89 -0.75 8.77
N THR A 481 -6.11 0.51 8.39
CA THR A 481 -5.62 1.66 9.16
C THR A 481 -6.32 1.83 10.51
N GLN A 482 -7.23 0.93 10.90
CA GLN A 482 -7.86 1.03 12.21
C GLN A 482 -6.85 0.66 13.30
N LEU A 483 -6.55 1.60 14.19
CA LEU A 483 -5.62 1.33 15.27
C LEU A 483 -6.20 0.29 16.23
N ALA A 484 -5.33 -0.23 17.10
CA ALA A 484 -5.67 -1.38 17.92
C ALA A 484 -6.74 -1.10 18.96
N ASP A 485 -7.02 0.17 19.26
CA ASP A 485 -8.03 0.52 20.24
C ASP A 485 -9.40 0.76 19.63
N GLY A 486 -9.56 0.53 18.33
CA GLY A 486 -10.83 0.74 17.66
C GLY A 486 -10.88 2.01 16.84
N GLY A 487 -10.27 3.08 17.35
CA GLY A 487 -10.33 4.35 16.65
C GLY A 487 -9.30 4.46 15.54
N TRP A 488 -9.63 5.33 14.57
CA TRP A 488 -8.75 5.61 13.45
C TRP A 488 -7.82 6.77 13.75
N PRO A 489 -6.73 6.88 13.02
CA PRO A 489 -5.80 8.00 13.24
C PRO A 489 -6.50 9.35 13.07
N VAL A 490 -5.87 10.38 13.64
CA VAL A 490 -6.37 11.75 13.52
C VAL A 490 -6.36 12.17 12.05
N TYR A 491 -7.02 13.28 11.74
CA TYR A 491 -7.05 13.80 10.38
C TYR A 491 -7.50 15.25 10.41
N GLY A 492 -6.76 16.12 9.72
CA GLY A 492 -7.11 17.52 9.64
C GLY A 492 -8.09 17.82 8.53
N LEU A 493 -9.35 18.08 8.90
CA LEU A 493 -10.41 18.21 7.90
C LEU A 493 -10.45 19.61 7.30
N PHE A 494 -10.26 20.65 8.10
CA PHE A 494 -10.28 22.02 7.63
C PHE A 494 -9.10 22.78 8.23
N ILE A 495 -8.86 23.98 7.71
CA ILE A 495 -7.66 24.74 8.04
C ILE A 495 -7.99 26.21 8.23
N ALA A 496 -7.12 26.90 8.95
CA ALA A 496 -7.09 28.35 8.96
C ALA A 496 -6.10 28.79 7.89
N PRO A 497 -6.57 29.15 6.69
CA PRO A 497 -5.65 29.33 5.56
C PRO A 497 -4.56 30.37 5.80
N ARG A 498 -4.86 31.44 6.52
CA ARG A 498 -3.85 32.49 6.71
C ARG A 498 -2.61 31.94 7.40
N SER A 499 -2.80 31.15 8.46
CA SER A 499 -1.70 30.57 9.22
C SER A 499 -1.46 29.10 8.91
N ASN A 500 -2.25 28.51 8.01
CA ASN A 500 -2.10 27.11 7.63
C ASN A 500 -2.22 26.20 8.85
N THR A 501 -3.29 26.40 9.62
CA THR A 501 -3.52 25.65 10.85
C THR A 501 -4.62 24.63 10.60
N TYR A 502 -4.26 23.35 10.63
CA TYR A 502 -5.21 22.28 10.41
C TYR A 502 -5.97 21.96 11.69
N PHE A 503 -7.25 21.66 11.55
CA PHE A 503 -8.09 21.19 12.65
C PHE A 503 -8.53 19.76 12.36
N GLY A 504 -8.64 18.97 13.41
CA GLY A 504 -9.05 17.58 13.25
C GLY A 504 -9.08 16.88 14.58
N SER A 505 -9.51 15.63 14.55
CA SER A 505 -9.66 14.84 15.76
C SER A 505 -9.83 13.37 15.38
N ARG A 506 -9.40 12.49 16.28
CA ARG A 506 -9.65 11.07 16.07
C ARG A 506 -11.14 10.75 16.08
N GLU A 507 -11.95 11.59 16.73
CA GLU A 507 -13.39 11.40 16.68
C GLU A 507 -13.92 11.60 15.26
N LEU A 508 -13.45 12.64 14.58
CA LEU A 508 -13.86 12.88 13.21
C LEU A 508 -13.54 11.69 12.32
N SER A 509 -12.27 11.28 12.28
CA SER A 509 -11.86 10.18 11.41
C SER A 509 -12.68 8.93 11.70
N THR A 510 -12.81 8.57 12.98
CA THR A 510 -13.53 7.35 13.33
C THR A 510 -15.00 7.43 12.94
N ALA A 511 -15.59 8.62 13.06
CA ALA A 511 -17.01 8.79 12.76
C ALA A 511 -17.31 8.43 11.30
N PHE A 512 -16.62 9.08 10.37
CA PHE A 512 -16.82 8.77 8.96
C PHE A 512 -16.50 7.32 8.66
N ALA A 513 -15.43 6.79 9.25
CA ALA A 513 -15.06 5.40 9.03
C ALA A 513 -16.20 4.46 9.39
N LEU A 514 -16.85 4.69 10.54
CA LEU A 514 -17.94 3.82 10.94
C LEU A 514 -19.14 3.96 9.99
N GLU A 515 -19.39 5.19 9.52
CA GLU A 515 -20.48 5.38 8.56
C GLU A 515 -20.22 4.60 7.28
N ALA A 516 -19.02 4.72 6.73
CA ALA A 516 -18.68 3.98 5.51
C ALA A 516 -18.87 2.49 5.70
N LEU A 517 -18.37 1.95 6.82
CA LEU A 517 -18.57 0.53 7.10
C LEU A 517 -20.06 0.22 7.25
N HIS A 518 -20.82 1.15 7.83
CA HIS A 518 -22.25 0.94 8.01
C HIS A 518 -22.98 0.93 6.67
N ILE A 519 -22.63 1.86 5.77
CA ILE A 519 -23.40 2.04 4.54
C ILE A 519 -23.17 0.92 3.53
N LEU A 520 -22.12 0.13 3.69
CA LEU A 520 -21.84 -0.98 2.79
C LEU A 520 -22.18 -2.34 3.38
N SER A 521 -22.63 -2.38 4.63
CA SER A 521 -22.92 -3.64 5.30
C SER A 521 -24.11 -4.36 4.69
N LEU B 4 3.22 -27.73 35.35
CA LEU B 4 4.41 -28.25 35.99
C LEU B 4 4.93 -27.28 37.06
N THR B 5 6.22 -27.39 37.40
CA THR B 5 6.80 -26.56 38.45
C THR B 5 8.24 -26.19 38.08
N PRO B 6 8.57 -24.90 38.08
CA PRO B 6 9.93 -24.49 37.72
C PRO B 6 10.97 -25.06 38.67
N GLU B 7 12.23 -24.82 38.33
CA GLU B 7 13.38 -25.33 39.09
C GLU B 7 14.30 -24.15 39.37
N LEU B 8 14.02 -23.43 40.44
CA LEU B 8 14.76 -22.22 40.78
C LEU B 8 16.26 -22.47 40.79
N ILE B 9 16.99 -21.71 39.97
CA ILE B 9 18.42 -21.86 39.79
C ILE B 9 19.11 -20.60 40.30
N THR B 10 20.13 -20.79 41.15
CA THR B 10 20.91 -19.68 41.69
C THR B 10 22.41 -19.87 41.56
N SER B 11 22.87 -20.95 40.96
CA SER B 11 24.29 -21.24 40.79
C SER B 11 24.67 -21.08 39.32
N LEU B 12 25.62 -20.19 39.05
CA LEU B 12 26.10 -20.01 37.68
C LEU B 12 26.59 -21.34 37.11
N GLN B 13 27.21 -22.18 37.93
CA GLN B 13 27.64 -23.49 37.45
C GLN B 13 26.45 -24.30 36.97
N GLU B 14 25.37 -24.33 37.77
CA GLU B 14 24.14 -24.99 37.33
C GLU B 14 23.65 -24.41 36.01
N LEU B 15 23.66 -23.09 35.88
CA LEU B 15 23.19 -22.46 34.66
C LEU B 15 24.04 -22.86 33.46
N SER B 16 25.36 -22.78 33.60
CA SER B 16 26.25 -23.14 32.50
C SER B 16 26.00 -24.57 32.04
N GLN B 17 25.70 -25.47 32.97
CA GLN B 17 25.43 -26.86 32.60
C GLN B 17 24.05 -27.00 31.97
N ILE B 18 23.07 -26.22 32.43
CA ILE B 18 21.73 -26.29 31.86
C ILE B 18 21.75 -25.76 30.43
N LEU B 19 22.39 -24.61 30.21
CA LEU B 19 22.43 -24.04 28.87
C LEU B 19 23.19 -24.94 27.91
N ASP B 20 24.28 -25.54 28.38
CA ASP B 20 25.09 -26.37 27.49
C ASP B 20 24.37 -27.61 26.99
N ARG B 21 23.25 -27.98 27.61
CA ARG B 21 22.45 -29.10 27.13
C ARG B 21 21.56 -28.73 25.94
N TYR B 22 21.73 -27.53 25.38
CA TYR B 22 20.87 -27.05 24.30
C TYR B 22 21.73 -26.49 23.18
N ASP B 23 21.32 -26.80 21.93
CA ASP B 23 22.04 -26.30 20.76
C ASP B 23 21.61 -24.90 20.37
N THR B 24 20.41 -24.47 20.78
CA THR B 24 19.85 -23.19 20.35
C THR B 24 19.32 -22.44 21.55
N ILE B 25 19.73 -21.19 21.70
CA ILE B 25 19.29 -20.31 22.77
C ILE B 25 18.64 -19.09 22.16
N VAL B 26 17.49 -18.70 22.71
CA VAL B 26 16.73 -17.55 22.21
C VAL B 26 16.64 -16.52 23.33
N PHE B 27 17.07 -15.29 23.05
CA PHE B 27 17.12 -14.21 24.02
C PHE B 27 16.02 -13.19 23.75
N ASP B 28 15.41 -12.69 24.82
CA ASP B 28 14.63 -11.47 24.74
C ASP B 28 15.55 -10.26 24.88
N LEU B 29 15.03 -9.09 24.55
CA LEU B 29 15.83 -7.87 24.62
C LEU B 29 15.65 -7.15 25.95
N GLY B 30 14.40 -6.80 26.30
CA GLY B 30 14.16 -5.95 27.45
C GLY B 30 14.33 -6.71 28.76
N ASP B 31 15.08 -6.11 29.69
CA ASP B 31 15.24 -6.65 31.03
C ASP B 31 16.06 -7.94 31.03
N VAL B 32 16.36 -8.47 29.86
CA VAL B 32 17.23 -9.65 29.73
C VAL B 32 18.62 -9.21 29.35
N LEU B 33 18.75 -8.59 28.17
CA LEU B 33 20.03 -8.05 27.72
C LEU B 33 20.17 -6.55 27.95
N LEU B 34 19.06 -5.82 28.06
CA LEU B 34 19.07 -4.38 28.31
C LEU B 34 18.14 -4.07 29.47
N HIS B 35 18.66 -3.37 30.48
CA HIS B 35 17.86 -2.95 31.62
C HIS B 35 17.98 -1.45 31.80
N TRP B 36 17.06 -0.89 32.58
CA TRP B 36 17.01 0.55 32.81
C TRP B 36 15.97 0.92 33.86
N LYS B 46 2.69 18.88 33.13
CA LYS B 46 2.01 18.68 31.86
C LYS B 46 0.96 17.57 31.93
N GLY B 47 1.40 16.34 32.14
CA GLY B 47 0.48 15.22 32.20
C GLY B 47 1.07 13.93 32.76
N ILE B 48 1.15 12.90 31.93
CA ILE B 48 1.61 11.59 32.39
C ILE B 48 3.10 11.64 32.70
N ASP B 49 3.48 11.18 33.89
CA ASP B 49 4.87 11.06 34.29
C ASP B 49 5.40 9.63 34.17
N ASP B 50 4.52 8.65 33.96
CA ASP B 50 4.91 7.25 33.86
C ASP B 50 4.88 6.83 32.41
N VAL B 51 6.04 6.42 31.87
CA VAL B 51 6.07 5.87 30.52
C VAL B 51 5.39 4.50 30.46
N ARG B 52 5.18 3.85 31.61
CA ARG B 52 4.51 2.57 31.63
C ARG B 52 3.12 2.65 31.01
N LYS B 53 2.50 3.83 31.05
CA LYS B 53 1.15 3.97 30.50
C LYS B 53 1.15 3.94 28.97
N MET B 54 2.20 4.46 28.34
CA MET B 54 2.30 4.36 26.89
C MET B 54 2.40 2.90 26.44
N VAL B 55 3.33 2.16 27.04
CA VAL B 55 3.61 0.80 26.58
C VAL B 55 2.43 -0.13 26.84
N LYS B 56 1.61 0.18 27.84
CA LYS B 56 0.46 -0.66 28.16
C LYS B 56 -0.76 -0.36 27.31
N HIS B 57 -0.74 0.72 26.51
CA HIS B 57 -1.90 1.09 25.72
C HIS B 57 -1.98 0.24 24.46
N PRO B 58 -3.19 -0.13 24.01
CA PRO B 58 -3.29 -0.98 22.81
C PRO B 58 -2.62 -0.39 21.59
N VAL B 59 -2.62 0.93 21.44
CA VAL B 59 -1.99 1.55 20.28
C VAL B 59 -0.51 1.19 20.19
N TRP B 60 0.11 0.81 21.30
CA TRP B 60 1.52 0.45 21.27
C TRP B 60 1.76 -0.80 20.45
N GLN B 61 0.77 -1.70 20.37
CA GLN B 61 0.92 -2.90 19.55
C GLN B 61 1.08 -2.55 18.08
N ASP B 62 0.28 -1.59 17.59
CA ASP B 62 0.45 -1.13 16.21
C ASP B 62 1.86 -0.61 15.98
N LEU B 63 2.48 -0.06 17.01
CA LEU B 63 3.85 0.44 16.88
C LEU B 63 4.86 -0.70 16.87
N GLU B 64 4.63 -1.75 17.68
CA GLU B 64 5.56 -2.86 17.72
C GLU B 64 5.51 -3.69 16.44
N LYS B 65 4.34 -3.82 15.83
CA LYS B 65 4.18 -4.58 14.60
C LYS B 65 4.58 -3.78 13.37
N GLY B 66 5.10 -2.57 13.53
CA GLY B 66 5.54 -1.74 12.43
C GLY B 66 4.44 -1.06 11.65
N LEU B 67 3.18 -1.19 12.08
CA LEU B 67 2.08 -0.60 11.34
C LEU B 67 2.13 0.93 11.37
N ILE B 68 2.69 1.50 12.42
CA ILE B 68 2.83 2.95 12.56
C ILE B 68 4.18 3.26 13.19
N ASN B 69 4.71 4.44 12.89
CA ASN B 69 5.97 4.88 13.48
C ASN B 69 5.70 5.59 14.81
N GLN B 70 6.79 5.92 15.51
CA GLN B 70 6.65 6.57 16.81
C GLN B 70 5.86 7.87 16.70
N GLU B 71 6.13 8.65 15.65
CA GLU B 71 5.42 9.91 15.46
C GLU B 71 3.91 9.69 15.45
N PHE B 72 3.45 8.69 14.70
CA PHE B 72 2.03 8.35 14.68
C PHE B 72 1.55 7.93 16.07
N ALA B 73 2.23 6.96 16.69
CA ALA B 73 1.81 6.46 17.99
C ALA B 73 1.79 7.56 19.03
N LEU B 74 2.72 8.52 18.94
CA LEU B 74 2.76 9.60 19.92
C LEU B 74 1.52 10.49 19.81
N THR B 75 1.21 10.96 18.61
CA THR B 75 0.04 11.83 18.45
C THR B 75 -1.23 11.10 18.85
N ALA B 76 -1.32 9.80 18.55
CA ALA B 76 -2.48 9.02 18.96
C ALA B 76 -2.56 8.90 20.48
N LEU B 77 -1.41 8.83 21.15
CA LEU B 77 -1.41 8.72 22.61
C LEU B 77 -1.62 10.09 23.27
N SER B 78 -1.17 11.16 22.63
CA SER B 78 -1.46 12.50 23.14
C SER B 78 -2.96 12.67 23.39
N CYS B 79 -3.77 12.15 22.47
CA CYS B 79 -5.23 12.23 22.63
C CYS B 79 -5.71 11.28 23.71
N GLU B 80 -5.35 10.00 23.62
CA GLU B 80 -5.87 9.00 24.56
C GLU B 80 -5.39 9.26 25.97
N LEU B 81 -4.10 9.57 26.14
CA LEU B 81 -3.53 9.79 27.46
C LEU B 81 -3.69 11.23 27.95
N GLU B 82 -4.25 12.12 27.12
CA GLU B 82 -4.45 13.51 27.50
C GLU B 82 -3.15 14.13 27.99
N THR B 83 -2.11 13.98 27.18
CA THR B 83 -0.79 14.50 27.49
C THR B 83 -0.23 15.21 26.27
N PRO B 84 0.49 16.31 26.46
CA PRO B 84 1.07 17.01 25.32
C PRO B 84 1.91 16.08 24.45
N CYS B 85 1.83 16.28 23.13
CA CYS B 85 2.61 15.46 22.22
C CYS B 85 4.10 15.60 22.49
N SER B 86 4.54 16.80 22.89
CA SER B 86 5.97 17.01 23.12
C SER B 86 6.47 16.25 24.35
N LYS B 87 5.64 16.17 25.40
CA LYS B 87 6.09 15.53 26.63
C LYS B 87 6.23 14.02 26.44
N LEU B 88 5.23 13.38 25.85
CA LEU B 88 5.34 11.94 25.60
C LEU B 88 6.58 11.61 24.79
N LYS B 89 6.95 12.47 23.85
CA LYS B 89 8.15 12.24 23.06
C LYS B 89 9.40 12.37 23.91
N GLU B 90 9.52 13.47 24.66
CA GLU B 90 10.72 13.69 25.47
C GLU B 90 10.93 12.56 26.45
N MET B 91 9.86 12.08 27.09
CA MET B 91 10.00 10.98 28.04
C MET B 91 10.39 9.69 27.34
N LEU B 92 9.78 9.41 26.18
CA LEU B 92 10.11 8.19 25.46
C LEU B 92 11.59 8.17 25.07
N GLU B 93 12.09 9.29 24.53
CA GLU B 93 13.49 9.31 24.10
C GLU B 93 14.44 9.22 25.29
N LEU B 94 14.11 9.87 26.41
CA LEU B 94 14.93 9.75 27.60
C LEU B 94 15.00 8.29 28.07
N SER B 95 13.87 7.57 27.98
CA SER B 95 13.88 6.16 28.34
C SER B 95 14.79 5.35 27.43
N ILE B 96 14.81 5.68 26.14
CA ILE B 96 15.66 4.95 25.20
C ILE B 96 17.12 5.14 25.55
N ALA B 97 17.55 6.40 25.70
CA ALA B 97 18.96 6.68 25.93
C ALA B 97 19.45 6.02 27.21
N SER B 98 18.62 5.98 28.25
CA SER B 98 19.02 5.42 29.53
C SER B 98 19.20 3.91 29.49
N LEU B 99 18.94 3.27 28.35
CA LEU B 99 19.12 1.82 28.26
C LEU B 99 20.59 1.45 28.48
N GLN B 100 20.81 0.44 29.30
CA GLN B 100 22.15 -0.04 29.62
C GLN B 100 22.24 -1.54 29.36
N VAL B 101 23.44 -1.97 28.96
CA VAL B 101 23.69 -3.40 28.77
C VAL B 101 23.67 -4.11 30.13
N ASN B 102 23.07 -5.29 30.16
CA ASN B 102 23.14 -6.14 31.34
C ASN B 102 24.42 -6.97 31.26
N PRO B 103 25.45 -6.65 32.03
CA PRO B 103 26.76 -7.30 31.81
C PRO B 103 26.72 -8.81 31.94
N LEU B 104 25.90 -9.33 32.86
CA LEU B 104 25.82 -10.78 33.04
C LEU B 104 25.35 -11.47 31.76
N MET B 105 24.24 -10.99 31.19
CA MET B 105 23.67 -11.67 30.03
C MET B 105 24.51 -11.47 28.78
N VAL B 106 25.14 -10.32 28.63
CA VAL B 106 26.00 -10.10 27.46
C VAL B 106 27.17 -11.07 27.48
N GLU B 107 27.69 -11.38 28.67
CA GLU B 107 28.78 -12.35 28.77
C GLU B 107 28.28 -13.77 28.53
N VAL B 108 27.13 -14.13 29.11
CA VAL B 108 26.50 -15.39 28.78
C VAL B 108 26.27 -15.50 27.29
N LEU B 109 26.15 -14.36 26.61
CA LEU B 109 25.98 -14.35 25.16
C LEU B 109 27.29 -14.67 24.45
N ARG B 110 28.32 -13.86 24.69
CA ARG B 110 29.62 -14.09 24.08
C ARG B 110 30.11 -15.51 24.32
N VAL B 111 29.82 -16.06 25.51
CA VAL B 111 30.22 -17.43 25.82
C VAL B 111 29.55 -18.40 24.85
N LEU B 112 28.22 -18.40 24.82
CA LEU B 112 27.49 -19.34 23.97
C LEU B 112 27.80 -19.14 22.50
N HIS B 113 28.35 -17.99 22.11
CA HIS B 113 28.74 -17.78 20.72
C HIS B 113 30.06 -18.46 20.40
N LYS B 114 31.02 -18.39 21.33
CA LYS B 114 32.31 -19.04 21.10
C LYS B 114 32.21 -20.55 21.19
N LYS B 115 31.17 -21.08 21.84
CA LYS B 115 30.90 -22.50 21.88
C LYS B 115 30.08 -22.98 20.68
N ASP B 116 30.02 -22.18 19.61
CA ASP B 116 29.34 -22.53 18.37
C ASP B 116 27.92 -23.04 18.64
N LYS B 117 27.12 -22.16 19.23
CA LYS B 117 25.71 -22.42 19.46
C LYS B 117 24.87 -21.65 18.43
N GLN B 118 23.60 -22.00 18.37
CA GLN B 118 22.62 -21.25 17.58
C GLN B 118 21.91 -20.28 18.51
N ILE B 119 22.07 -18.99 18.25
CA ILE B 119 21.61 -17.93 19.15
C ILE B 119 20.76 -16.96 18.35
N TYR B 120 19.49 -16.84 18.72
CA TYR B 120 18.57 -15.95 18.03
C TYR B 120 17.99 -14.93 19.01
N CYS B 121 17.67 -13.75 18.49
CA CYS B 121 17.09 -12.67 19.27
C CYS B 121 15.64 -12.48 18.83
N LEU B 122 14.71 -12.61 19.77
CA LEU B 122 13.28 -12.50 19.51
C LEU B 122 12.69 -11.44 20.45
N SER B 123 12.53 -10.22 19.95
CA SER B 123 12.12 -9.09 20.77
C SER B 123 10.98 -8.33 20.10
N ASN B 124 10.20 -7.62 20.93
CA ASN B 124 9.12 -6.76 20.46
C ASN B 124 9.59 -5.32 20.55
N VAL B 125 10.32 -4.88 19.52
CA VAL B 125 10.85 -3.53 19.44
C VAL B 125 10.24 -2.86 18.21
N ASP B 126 9.98 -1.56 18.31
CA ASP B 126 9.55 -0.81 17.15
C ASP B 126 10.76 -0.52 16.26
N LEU B 127 10.49 -0.36 14.96
CA LEU B 127 11.58 -0.25 13.98
C LEU B 127 12.54 0.88 14.35
N GLU B 128 12.01 2.07 14.64
CA GLU B 128 12.87 3.21 14.88
C GLU B 128 13.75 3.00 16.10
N SER B 129 13.20 2.41 17.16
CA SER B 129 14.01 2.13 18.35
C SER B 129 15.05 1.05 18.06
N PHE B 130 14.63 -0.06 17.47
CA PHE B 130 15.57 -1.13 17.12
C PHE B 130 16.73 -0.59 16.29
N SER B 131 16.44 0.35 15.38
CA SER B 131 17.50 0.96 14.59
C SER B 131 18.48 1.71 15.49
N TYR B 132 17.98 2.34 16.56
CA TYR B 132 18.86 3.05 17.47
C TYR B 132 19.66 2.08 18.32
N LEU B 133 19.00 1.09 18.91
CA LEU B 133 19.70 0.14 19.77
C LEU B 133 20.71 -0.67 18.99
N TYR B 134 20.51 -0.85 17.68
CA TYR B 134 21.51 -1.56 16.89
C TYR B 134 22.78 -0.72 16.72
N LYS B 135 22.63 0.60 16.62
CA LYS B 135 23.79 1.47 16.52
C LYS B 135 24.46 1.73 17.86
N GLN B 136 23.72 1.56 18.97
CA GLN B 136 24.25 1.90 20.28
C GLN B 136 25.14 0.79 20.86
N PHE B 137 24.66 -0.44 20.86
CA PHE B 137 25.34 -1.53 21.53
C PHE B 137 25.97 -2.47 20.51
N ASP B 138 26.82 -3.36 21.00
CA ASP B 138 27.68 -4.18 20.14
C ASP B 138 27.46 -5.67 20.29
N PHE B 139 26.57 -6.12 21.17
CA PHE B 139 26.34 -7.55 21.33
C PHE B 139 25.59 -8.17 20.15
N TRP B 140 25.24 -7.38 19.13
CA TRP B 140 24.43 -7.93 18.04
C TRP B 140 25.19 -8.99 17.25
N LYS B 141 26.52 -8.89 17.20
CA LYS B 141 27.32 -9.85 16.44
C LYS B 141 27.22 -11.26 16.98
N TYR B 142 26.84 -11.44 18.24
CA TYR B 142 26.74 -12.77 18.82
C TYR B 142 25.51 -13.54 18.37
N PHE B 143 24.57 -12.88 17.69
CA PHE B 143 23.35 -13.53 17.21
C PHE B 143 23.55 -14.11 15.82
N ASP B 144 22.88 -15.22 15.56
CA ASP B 144 22.85 -15.79 14.22
C ASP B 144 21.67 -15.25 13.41
N GLY B 145 20.56 -14.95 14.06
CA GLY B 145 19.43 -14.32 13.40
C GLY B 145 18.72 -13.39 14.37
N ILE B 146 18.17 -12.32 13.84
CA ILE B 146 17.48 -11.30 14.64
C ILE B 146 16.04 -11.21 14.15
N TYR B 147 15.11 -11.51 15.04
CA TYR B 147 13.67 -11.51 14.73
C TYR B 147 13.00 -10.44 15.58
N VAL B 148 12.90 -9.23 15.02
CA VAL B 148 12.28 -8.09 15.69
C VAL B 148 10.85 -7.95 15.18
N SER B 149 9.94 -7.57 16.08
CA SER B 149 8.52 -7.50 15.73
C SER B 149 8.28 -6.50 14.60
N ALA B 150 8.89 -5.31 14.70
CA ALA B 150 8.65 -4.28 13.71
C ALA B 150 9.08 -4.70 12.31
N LEU B 151 9.96 -5.69 12.18
CA LEU B 151 10.34 -6.21 10.87
C LEU B 151 9.58 -7.46 10.49
N LEU B 152 8.74 -8.00 11.39
CA LEU B 152 7.96 -9.19 11.11
C LEU B 152 6.46 -8.93 11.05
N GLN B 153 6.00 -7.76 11.52
CA GLN B 153 4.58 -7.46 11.69
C GLN B 153 3.89 -8.52 12.54
N LEU B 154 4.66 -9.23 13.35
CA LEU B 154 4.17 -10.12 14.39
C LEU B 154 4.72 -9.63 15.73
N ARG B 155 4.16 -10.16 16.82
CA ARG B 155 4.63 -9.73 18.13
C ARG B 155 4.29 -10.79 19.17
N LYS B 156 5.17 -10.94 20.16
CA LYS B 156 4.87 -11.79 21.29
C LYS B 156 3.72 -11.19 22.09
N PRO B 157 2.90 -12.04 22.74
CA PRO B 157 3.03 -13.50 22.79
C PRO B 157 2.17 -14.23 21.75
N ASN B 158 1.92 -13.62 20.61
CA ASN B 158 1.13 -14.26 19.57
C ASN B 158 1.85 -15.50 19.06
N PRO B 159 1.19 -16.66 19.04
CA PRO B 159 1.89 -17.88 18.56
C PRO B 159 2.41 -17.77 17.14
N ASP B 160 1.91 -16.83 16.35
CA ASP B 160 2.38 -16.71 14.97
C ASP B 160 3.88 -16.45 14.91
N ILE B 161 4.38 -15.54 15.75
CA ILE B 161 5.79 -15.17 15.70
C ILE B 161 6.66 -16.35 16.10
N PHE B 162 6.19 -17.18 17.04
CA PHE B 162 6.98 -18.35 17.42
C PHE B 162 7.03 -19.37 16.28
N GLN B 163 5.89 -19.63 15.64
CA GLN B 163 5.89 -20.54 14.50
C GLN B 163 6.76 -20.02 13.37
N TYR B 164 6.75 -18.70 13.16
CA TYR B 164 7.58 -18.13 12.10
C TYR B 164 9.06 -18.27 12.43
N LEU B 165 9.43 -18.00 13.68
CA LEU B 165 10.83 -18.18 14.08
C LEU B 165 11.27 -19.62 13.91
N ILE B 166 10.42 -20.57 14.30
CA ILE B 166 10.80 -21.99 14.22
C ILE B 166 11.03 -22.39 12.77
N SER B 167 10.12 -22.01 11.88
CA SER B 167 10.24 -22.39 10.47
C SER B 167 11.26 -21.54 9.73
N SER B 168 11.42 -20.27 10.13
CA SER B 168 12.39 -19.41 9.46
C SER B 168 13.81 -19.87 9.71
N ALA B 169 14.15 -20.15 10.96
CA ALA B 169 15.50 -20.56 11.34
C ALA B 169 15.72 -22.07 11.25
N SER B 170 14.67 -22.84 10.97
CA SER B 170 14.77 -24.30 10.97
C SER B 170 15.10 -24.83 12.36
N ILE B 171 14.49 -24.23 13.37
CA ILE B 171 14.82 -24.52 14.76
C ILE B 171 14.18 -25.84 15.17
N ASN B 172 14.92 -26.62 15.94
CA ASN B 172 14.40 -27.83 16.56
C ASN B 172 13.90 -27.48 17.95
N THR B 173 12.61 -27.75 18.21
CA THR B 173 12.01 -27.32 19.48
C THR B 173 12.77 -27.89 20.67
N LYS B 174 13.09 -29.19 20.64
CA LYS B 174 14.02 -29.71 21.62
C LYS B 174 15.42 -29.17 21.35
N SER B 175 16.26 -29.20 22.38
CA SER B 175 17.59 -28.61 22.31
C SER B 175 17.54 -27.10 22.08
N THR B 176 16.37 -26.50 22.32
CA THR B 176 16.18 -25.06 22.21
C THR B 176 15.57 -24.55 23.50
N ILE B 177 16.16 -23.50 24.05
CA ILE B 177 15.72 -22.91 25.30
C ILE B 177 15.50 -21.41 25.08
N PHE B 178 14.47 -20.87 25.72
CA PHE B 178 14.06 -19.48 25.54
C PHE B 178 14.23 -18.74 26.85
N ILE B 179 14.85 -17.56 26.80
CA ILE B 179 15.10 -16.73 27.97
C ILE B 179 14.27 -15.47 27.85
N ASP B 180 13.43 -15.22 28.85
CA ASP B 180 12.55 -14.06 28.83
C ASP B 180 12.05 -13.80 30.25
N ASP B 181 11.73 -12.54 30.54
CA ASP B 181 11.21 -12.19 31.85
C ASP B 181 9.69 -12.21 31.93
N LYS B 182 8.99 -12.22 30.79
CA LYS B 182 7.54 -12.28 30.79
C LYS B 182 7.10 -13.73 30.87
N SER B 183 6.17 -14.02 31.79
CA SER B 183 5.65 -15.38 31.88
C SER B 183 4.84 -15.75 30.64
N GLU B 184 4.01 -14.83 30.16
CA GLU B 184 3.17 -15.14 29.00
C GLU B 184 4.02 -15.48 27.78
N ASN B 185 5.12 -14.76 27.57
CA ASN B 185 6.00 -15.06 26.45
C ASN B 185 6.57 -16.47 26.56
N LEU B 186 7.09 -16.82 27.74
CA LEU B 186 7.60 -18.18 27.93
C LEU B 186 6.48 -19.21 27.81
N GLN B 187 5.32 -18.92 28.40
CA GLN B 187 4.18 -19.83 28.31
C GLN B 187 3.92 -20.24 26.86
N GLU B 188 3.81 -19.27 25.96
CA GLU B 188 3.55 -19.58 24.56
C GLU B 188 4.71 -20.34 23.93
N ALA B 189 5.95 -19.91 24.19
CA ALA B 189 7.11 -20.61 23.65
C ALA B 189 7.10 -22.08 24.06
N ALA B 190 6.57 -22.39 25.24
CA ALA B 190 6.57 -23.77 25.71
C ALA B 190 5.59 -24.63 24.93
N ASN B 191 4.44 -24.07 24.54
CA ASN B 191 3.45 -24.82 23.79
C ASN B 191 4.02 -25.41 22.50
N PHE B 192 5.12 -24.85 21.99
CA PHE B 192 5.80 -25.39 20.82
C PHE B 192 6.89 -26.39 21.18
N GLY B 193 7.00 -26.77 22.45
CA GLY B 193 8.01 -27.72 22.85
C GLY B 193 9.37 -27.13 23.16
N ILE B 194 9.43 -25.83 23.41
CA ILE B 194 10.69 -25.13 23.69
C ILE B 194 10.84 -25.00 25.20
N SER B 195 12.03 -25.31 25.70
CA SER B 195 12.30 -25.20 27.13
C SER B 195 12.44 -23.74 27.52
N THR B 196 11.81 -23.38 28.64
CA THR B 196 11.72 -22.00 29.09
C THR B 196 12.70 -21.73 30.23
N LEU B 197 13.13 -20.47 30.34
CA LEU B 197 14.06 -20.04 31.38
C LEU B 197 13.72 -18.57 31.69
N LYS B 198 12.89 -18.38 32.71
CA LYS B 198 12.43 -17.04 33.08
C LYS B 198 13.53 -16.28 33.82
N TYR B 199 13.80 -15.05 33.40
CA TYR B 199 14.86 -14.25 33.99
C TYR B 199 14.27 -13.35 35.06
N ASN B 200 14.49 -13.71 36.32
CA ASN B 200 14.28 -12.83 37.45
C ASN B 200 15.62 -12.27 37.89
N LYS B 201 15.61 -11.04 38.40
CA LYS B 201 16.87 -10.40 38.77
C LYS B 201 17.64 -11.21 39.81
N ASP B 202 16.93 -11.98 40.65
CA ASP B 202 17.57 -12.78 41.68
C ASP B 202 17.97 -14.16 41.17
N ASN B 203 17.13 -14.82 40.40
CA ASN B 203 17.33 -16.23 40.07
C ASN B 203 16.83 -16.48 38.65
N PHE B 204 16.72 -17.76 38.30
CA PHE B 204 16.14 -18.21 37.03
C PHE B 204 15.11 -19.29 37.32
N GLU B 205 14.08 -19.36 36.47
CA GLU B 205 13.04 -20.39 36.56
C GLU B 205 13.17 -21.30 35.34
N TYR B 206 13.85 -22.42 35.52
CA TYR B 206 14.09 -23.37 34.44
C TYR B 206 12.97 -24.40 34.37
N THR B 207 12.51 -24.68 33.14
CA THR B 207 11.44 -25.64 32.90
C THR B 207 11.78 -26.43 31.64
N ALA B 208 12.39 -27.60 31.83
CA ALA B 208 12.70 -28.46 30.70
C ALA B 208 11.41 -28.95 30.06
N ILE B 209 11.43 -29.07 28.73
CA ILE B 209 10.24 -29.44 27.96
C ILE B 209 10.67 -30.32 26.81
N GLU B 210 9.94 -31.42 26.61
CA GLU B 210 10.25 -32.35 25.54
C GLU B 210 9.84 -31.76 24.19
N GLY B 211 10.79 -31.72 23.26
CA GLY B 211 10.51 -31.22 21.93
C GLY B 211 10.90 -32.24 20.87
N GLY B 212 10.51 -31.94 19.63
CA GLY B 212 10.84 -32.80 18.51
C GLY B 212 9.79 -32.86 17.42
N TRP B 213 8.52 -32.92 17.82
CA TRP B 213 7.45 -33.05 16.84
C TRP B 213 7.31 -31.76 16.04
N PRO B 214 7.01 -31.85 14.73
CA PRO B 214 6.79 -30.67 13.89
C PRO B 214 5.41 -30.04 14.11
N GLN B 218 5.10 -21.81 7.53
CA GLN B 218 4.22 -21.33 8.58
C GLN B 218 2.76 -21.41 8.14
N ASN B 219 2.04 -20.28 8.23
CA ASN B 219 0.65 -20.19 7.85
C ASN B 219 0.45 -19.60 6.47
N MET B 220 1.50 -19.61 5.64
CA MET B 220 1.40 -19.12 4.27
C MET B 220 2.17 -19.97 3.27
N THR B 221 2.86 -21.02 3.71
CA THR B 221 3.56 -21.90 2.77
C THR B 221 2.68 -22.35 1.63
N PRO B 222 1.39 -22.64 1.81
CA PRO B 222 0.54 -22.97 0.65
C PRO B 222 0.44 -21.83 -0.36
N GLU B 223 0.20 -20.61 0.11
CA GLU B 223 0.06 -19.47 -0.80
C GLU B 223 1.41 -19.05 -1.36
N ILE B 224 2.46 -19.04 -0.53
CA ILE B 224 3.75 -18.55 -0.97
C ILE B 224 4.37 -19.51 -1.99
N HIS B 225 4.27 -20.81 -1.74
CA HIS B 225 4.85 -21.77 -2.68
C HIS B 225 4.21 -21.65 -4.06
N LYS B 226 2.94 -21.29 -4.12
CA LYS B 226 2.27 -21.13 -5.41
C LYS B 226 2.83 -19.93 -6.17
N LYS B 227 2.94 -18.78 -5.51
CA LYS B 227 3.48 -17.60 -6.17
C LYS B 227 4.93 -17.81 -6.59
N ARG B 228 5.71 -18.50 -5.75
CA ARG B 228 7.11 -18.78 -6.11
C ARG B 228 7.18 -19.63 -7.36
N THR B 229 6.36 -20.68 -7.45
CA THR B 229 6.32 -21.49 -8.65
C THR B 229 5.92 -20.64 -9.87
N LEU B 230 4.83 -19.90 -9.75
CA LEU B 230 4.40 -19.01 -10.83
C LEU B 230 5.54 -18.11 -11.27
N GLY B 231 6.20 -17.45 -10.32
CA GLY B 231 7.31 -16.58 -10.66
C GLY B 231 8.45 -17.31 -11.34
N GLU B 232 8.78 -18.50 -10.84
CA GLU B 232 9.86 -19.28 -11.45
C GLU B 232 9.51 -19.66 -12.88
N ASP B 233 8.31 -20.20 -13.10
CA ASP B 233 7.90 -20.58 -14.44
C ASP B 233 7.98 -19.41 -15.41
N TYR B 234 7.57 -18.22 -14.97
CA TYR B 234 7.63 -17.04 -15.83
C TYR B 234 9.07 -16.73 -16.23
N LEU B 235 9.95 -16.57 -15.24
CA LEU B 235 11.32 -16.17 -15.55
C LEU B 235 12.03 -17.23 -16.39
N ASN B 236 11.83 -18.50 -16.08
CA ASN B 236 12.42 -19.57 -16.88
C ASN B 236 12.06 -19.40 -18.36
N LEU B 237 10.77 -19.23 -18.65
CA LEU B 237 10.33 -19.08 -20.03
C LEU B 237 11.03 -17.90 -20.70
N ARG B 238 11.04 -16.75 -20.03
CA ARG B 238 11.66 -15.56 -20.60
C ARG B 238 13.12 -15.82 -20.97
N LEU B 239 13.92 -16.26 -19.99
CA LEU B 239 15.35 -16.43 -20.23
C LEU B 239 15.63 -17.57 -21.19
N ARG B 240 14.83 -18.64 -21.15
CA ARG B 240 14.98 -19.69 -22.15
C ARG B 240 14.72 -19.17 -23.55
N LYS B 241 13.74 -18.27 -23.70
CA LYS B 241 13.52 -17.65 -25.00
C LYS B 241 14.54 -16.56 -25.30
N PHE B 242 14.98 -15.83 -24.27
CA PHE B 242 15.96 -14.75 -24.43
C PHE B 242 17.08 -14.92 -23.42
N PRO B 243 17.98 -15.89 -23.64
CA PRO B 243 19.11 -16.06 -22.71
C PRO B 243 19.96 -14.81 -22.61
N PHE B 244 20.09 -14.05 -23.69
CA PHE B 244 20.67 -12.70 -23.63
C PHE B 244 19.59 -11.79 -23.05
N CYS B 245 19.61 -11.65 -21.72
CA CYS B 245 18.55 -10.96 -21.00
C CYS B 245 18.12 -9.70 -21.73
N LYS B 246 16.81 -9.56 -21.93
CA LYS B 246 16.27 -8.40 -22.61
C LYS B 246 16.42 -7.15 -21.74
N SER B 247 16.13 -6.01 -22.35
CA SER B 247 16.21 -4.74 -21.64
C SER B 247 15.36 -3.71 -22.38
N PHE B 248 14.66 -2.87 -21.62
CA PHE B 248 13.88 -1.79 -22.19
C PHE B 248 14.44 -0.46 -21.72
N VAL B 249 14.13 0.60 -22.46
CA VAL B 249 14.76 1.90 -22.27
C VAL B 249 13.69 2.98 -22.23
N SER B 250 13.90 3.96 -21.35
CA SER B 250 13.02 5.12 -21.21
C SER B 250 13.76 6.19 -20.42
N ASN B 251 13.01 7.15 -19.86
CA ASN B 251 13.60 8.24 -19.09
C ASN B 251 13.07 8.27 -17.66
N ASN B 252 12.57 7.14 -17.16
CA ASN B 252 12.04 7.07 -15.80
C ASN B 252 12.30 5.68 -15.25
N VAL B 253 12.45 5.60 -13.92
CA VAL B 253 12.79 4.35 -13.28
C VAL B 253 11.74 3.27 -13.51
N GLU B 254 10.51 3.67 -13.85
CA GLU B 254 9.45 2.70 -14.12
C GLU B 254 9.45 2.20 -15.56
N LEU B 255 10.27 2.80 -16.43
CA LEU B 255 10.31 2.45 -17.84
C LEU B 255 8.93 2.53 -18.48
N ILE B 256 8.23 3.63 -18.20
CA ILE B 256 6.92 3.89 -18.78
C ILE B 256 7.11 4.35 -20.22
N GLY B 257 6.39 3.72 -21.14
CA GLY B 257 6.58 4.03 -22.55
C GLY B 257 7.98 3.68 -23.02
N GLY B 258 8.53 2.57 -22.54
CA GLY B 258 9.86 2.17 -22.94
C GLY B 258 9.86 1.37 -24.24
N GLU B 259 11.04 1.28 -24.84
CA GLU B 259 11.24 0.59 -26.10
C GLU B 259 12.24 -0.54 -25.91
N ASP B 260 12.00 -1.65 -26.61
CA ASP B 260 12.91 -2.79 -26.55
C ASP B 260 14.31 -2.38 -26.98
N PHE B 261 15.31 -2.81 -26.20
CA PHE B 261 16.72 -2.55 -26.51
C PHE B 261 17.48 -3.85 -26.63
N SER B 262 17.76 -4.53 -25.52
CA SER B 262 18.32 -5.88 -25.53
C SER B 262 19.62 -5.95 -26.33
N LYS B 263 20.45 -4.91 -26.21
CA LYS B 263 21.74 -4.88 -26.88
C LYS B 263 22.88 -4.63 -25.90
N GLU B 264 22.66 -4.88 -24.61
CA GLU B 264 23.71 -4.78 -23.60
C GLU B 264 23.80 -6.11 -22.84
N ILE B 265 25.01 -6.43 -22.40
CA ILE B 265 25.28 -7.73 -21.78
C ILE B 265 25.24 -7.68 -20.26
N PHE B 266 25.24 -6.49 -19.65
CA PHE B 266 25.34 -6.39 -18.20
C PHE B 266 24.15 -7.06 -17.52
N SER B 267 22.94 -6.82 -18.03
CA SER B 267 21.76 -7.44 -17.43
C SER B 267 21.92 -8.95 -17.33
N THR B 268 22.42 -9.58 -18.39
CA THR B 268 22.65 -11.02 -18.35
C THR B 268 23.59 -11.40 -17.21
N ALA B 269 24.62 -10.60 -16.98
CA ALA B 269 25.53 -10.87 -15.88
C ALA B 269 24.81 -10.78 -14.55
N VAL B 270 24.23 -9.61 -14.25
CA VAL B 270 23.51 -9.36 -13.01
C VAL B 270 22.61 -10.53 -12.65
N ILE B 271 21.84 -11.02 -13.62
CA ILE B 271 20.97 -12.17 -13.38
C ILE B 271 21.78 -13.36 -12.89
N LEU B 272 22.83 -13.71 -13.63
CA LEU B 272 23.64 -14.86 -13.24
C LEU B 272 24.34 -14.65 -11.90
N HIS B 273 24.63 -13.39 -11.56
CA HIS B 273 25.37 -13.08 -10.35
C HIS B 273 24.49 -12.99 -9.12
N SER B 274 23.17 -12.96 -9.29
CA SER B 274 22.26 -12.68 -8.18
C SER B 274 21.26 -13.79 -7.91
N TYR B 275 20.67 -14.37 -8.95
CA TYR B 275 19.69 -15.44 -8.80
C TYR B 275 20.41 -16.77 -8.98
N THR B 276 20.50 -17.55 -7.90
CA THR B 276 21.28 -18.77 -7.90
C THR B 276 20.45 -20.01 -8.21
N SER B 277 19.14 -19.95 -8.03
CA SER B 277 18.28 -21.12 -8.25
C SER B 277 17.90 -21.33 -9.71
N LEU B 278 18.56 -20.63 -10.64
CA LEU B 278 18.27 -20.83 -12.05
C LEU B 278 18.50 -22.29 -12.44
N PRO B 279 17.61 -22.89 -13.22
CA PRO B 279 17.88 -24.23 -13.74
C PRO B 279 19.20 -24.26 -14.50
N ASP B 280 19.85 -25.43 -14.49
CA ASP B 280 21.19 -25.53 -15.05
C ASP B 280 21.22 -25.19 -16.53
N ASP B 281 20.14 -25.48 -17.27
CA ASP B 281 20.14 -25.20 -18.69
C ASP B 281 20.14 -23.70 -18.98
N ILE B 282 19.44 -22.92 -18.16
CA ILE B 282 19.43 -21.47 -18.33
C ILE B 282 20.79 -20.89 -18.00
N ILE B 283 21.41 -21.38 -16.92
CA ILE B 283 22.74 -20.89 -16.53
C ILE B 283 23.75 -21.16 -17.64
N ALA B 284 23.72 -22.39 -18.18
CA ALA B 284 24.58 -22.71 -19.30
C ALA B 284 24.32 -21.77 -20.48
N SER B 285 23.06 -21.65 -20.89
CA SER B 285 22.73 -20.82 -22.04
C SER B 285 23.10 -19.37 -21.80
N MET B 286 22.76 -18.83 -20.63
CA MET B 286 23.10 -17.44 -20.34
C MET B 286 24.61 -17.25 -20.26
N CYS B 287 25.33 -18.23 -19.69
CA CYS B 287 26.78 -18.12 -19.62
C CYS B 287 27.39 -18.08 -21.02
N HIS B 288 26.83 -18.87 -21.94
CA HIS B 288 27.30 -18.83 -23.32
C HIS B 288 27.28 -17.41 -23.87
N GLU B 289 26.20 -16.67 -23.60
CA GLU B 289 26.12 -15.30 -24.09
C GLU B 289 27.25 -14.44 -23.54
N ILE B 290 27.57 -14.61 -22.25
CA ILE B 290 28.63 -13.81 -21.63
C ILE B 290 29.99 -14.07 -22.27
N LEU B 291 30.15 -15.20 -22.94
CA LEU B 291 31.41 -15.56 -23.58
C LEU B 291 31.45 -15.16 -25.05
N ASN B 292 30.43 -15.50 -25.83
CA ASN B 292 30.40 -15.10 -27.24
C ASN B 292 30.25 -13.60 -27.43
N HIS B 293 30.09 -12.83 -26.36
CA HIS B 293 29.90 -11.39 -26.48
C HIS B 293 31.00 -10.77 -27.32
N ASP B 294 30.61 -10.14 -28.43
CA ASP B 294 31.57 -9.57 -29.37
C ASP B 294 32.24 -8.30 -28.85
N GLY B 295 31.81 -7.78 -27.70
CA GLY B 295 32.48 -6.66 -27.08
C GLY B 295 33.67 -7.05 -26.22
N GLN B 296 34.02 -8.33 -26.22
CA GLN B 296 35.08 -8.86 -25.38
C GLN B 296 36.41 -8.80 -26.14
N ASN B 297 37.26 -7.85 -25.78
CA ASN B 297 38.63 -7.76 -26.29
C ASN B 297 39.58 -8.20 -25.19
N LYS B 298 40.26 -9.32 -25.41
CA LYS B 298 41.04 -9.97 -24.36
C LYS B 298 40.07 -10.51 -23.31
N LEU B 299 40.27 -10.14 -22.05
CA LEU B 299 39.32 -10.46 -21.01
C LEU B 299 38.70 -9.20 -20.41
N ARG B 300 38.58 -8.16 -21.23
CA ARG B 300 37.83 -6.96 -20.88
C ARG B 300 36.52 -6.94 -21.68
N TRP B 301 35.44 -6.57 -21.02
CA TRP B 301 34.12 -6.56 -21.64
C TRP B 301 33.64 -5.15 -21.91
N CYS B 302 32.82 -5.02 -22.95
CA CYS B 302 32.15 -3.77 -23.27
C CYS B 302 30.66 -3.92 -22.98
N PHE B 303 30.06 -2.85 -22.45
CA PHE B 303 28.65 -2.89 -22.09
C PHE B 303 27.78 -3.26 -23.29
N TYR B 304 28.04 -2.62 -24.44
CA TYR B 304 27.24 -2.84 -25.63
C TYR B 304 27.72 -4.05 -26.42
N LYS B 305 26.85 -4.53 -27.31
CA LYS B 305 27.31 -5.33 -28.43
C LYS B 305 27.96 -4.41 -29.46
N ASN B 306 28.79 -5.00 -30.32
CA ASN B 306 29.43 -4.18 -31.35
C ASN B 306 28.40 -3.48 -32.22
N GLU B 307 27.24 -4.12 -32.44
CA GLU B 307 26.22 -3.52 -33.29
C GLU B 307 25.65 -2.24 -32.68
N ALA B 308 25.73 -2.07 -31.36
CA ALA B 308 25.25 -0.87 -30.70
C ALA B 308 26.35 -0.04 -30.07
N ARG B 309 27.58 -0.52 -30.07
CA ARG B 309 28.68 0.23 -29.46
C ARG B 309 28.78 1.62 -30.09
N PRO B 310 28.59 2.68 -29.32
CA PRO B 310 28.63 4.02 -29.92
C PRO B 310 30.03 4.49 -30.28
N ASP B 311 30.57 3.96 -31.37
CA ASP B 311 31.88 4.37 -31.84
C ASP B 311 32.94 4.23 -30.75
N ASN B 312 33.51 5.34 -30.31
CA ASN B 312 34.62 5.33 -29.35
C ASN B 312 34.11 5.15 -27.92
N PHE B 313 33.41 4.03 -27.70
CA PHE B 313 32.93 3.70 -26.37
C PHE B 313 33.83 2.64 -25.76
N PRO B 314 34.53 2.95 -24.67
CA PRO B 314 35.53 2.02 -24.14
C PRO B 314 34.90 0.92 -23.28
N ASP B 315 35.72 -0.08 -22.97
CA ASP B 315 35.31 -1.13 -22.05
C ASP B 315 35.28 -0.60 -20.62
N ASP B 316 34.39 -1.16 -19.81
CA ASP B 316 34.16 -0.68 -18.46
C ASP B 316 34.53 -1.76 -17.44
N LEU B 317 34.98 -1.29 -16.26
CA LEU B 317 35.36 -2.20 -15.19
C LEU B 317 34.16 -2.81 -14.48
N ASN B 318 32.94 -2.30 -14.73
CA ASN B 318 31.78 -2.85 -14.06
C ASN B 318 31.30 -4.14 -14.71
N THR B 319 31.07 -4.13 -16.01
CA THR B 319 30.77 -5.37 -16.71
C THR B 319 31.91 -6.37 -16.58
N THR B 320 33.15 -5.87 -16.60
CA THR B 320 34.31 -6.76 -16.49
C THR B 320 34.39 -7.39 -15.11
N SER B 321 34.36 -6.57 -14.06
CA SER B 321 34.45 -7.09 -12.70
C SER B 321 33.43 -8.19 -12.46
N MET B 322 32.21 -8.04 -12.99
CA MET B 322 31.18 -9.03 -12.76
C MET B 322 31.42 -10.28 -13.61
N VAL B 323 31.62 -10.10 -14.91
CA VAL B 323 31.81 -11.25 -15.80
C VAL B 323 32.98 -12.10 -15.31
N LEU B 324 34.11 -11.46 -15.03
CA LEU B 324 35.27 -12.20 -14.53
C LEU B 324 34.96 -12.83 -13.17
N SER B 325 34.43 -12.04 -12.24
CA SER B 325 34.11 -12.58 -10.92
C SER B 325 33.17 -13.77 -11.01
N PHE B 326 32.22 -13.73 -11.95
CA PHE B 326 31.29 -14.85 -12.10
C PHE B 326 32.00 -16.06 -12.72
N LEU B 327 32.70 -15.84 -13.83
CA LEU B 327 33.38 -16.95 -14.49
C LEU B 327 34.37 -17.63 -13.57
N LEU B 328 35.14 -16.85 -12.80
CA LEU B 328 36.06 -17.44 -11.84
C LEU B 328 35.31 -18.29 -10.81
N ASN B 329 34.18 -17.79 -10.32
CA ASN B 329 33.42 -18.52 -9.32
C ASN B 329 32.73 -19.76 -9.90
N HIS B 330 32.64 -19.86 -11.22
CA HIS B 330 32.02 -21.01 -11.87
C HIS B 330 33.02 -21.83 -12.68
N ASN B 331 34.31 -21.64 -12.44
CA ASN B 331 35.36 -22.47 -13.04
C ASN B 331 35.37 -22.35 -14.56
N LYS B 332 35.27 -21.12 -15.05
CA LYS B 332 35.42 -20.81 -16.47
C LYS B 332 36.66 -19.96 -16.75
N LEU B 333 37.37 -19.55 -15.71
CA LEU B 333 38.63 -18.82 -15.84
C LEU B 333 39.48 -19.13 -14.62
N THR B 334 40.79 -19.00 -14.79
CA THR B 334 41.75 -19.19 -13.72
C THR B 334 42.22 -17.83 -13.21
N ILE B 335 42.51 -17.78 -11.91
CA ILE B 335 43.09 -16.57 -11.33
C ILE B 335 44.33 -16.17 -12.11
N GLU B 336 45.00 -17.14 -12.73
CA GLU B 336 46.17 -16.84 -13.56
C GLU B 336 45.78 -15.96 -14.74
N LYS B 337 44.66 -16.26 -15.38
CA LYS B 337 44.23 -15.49 -16.55
C LYS B 337 43.68 -14.12 -16.17
N ILE B 338 43.16 -13.99 -14.95
CA ILE B 338 42.43 -12.79 -14.56
C ILE B 338 43.36 -11.73 -13.95
N ILE B 339 44.36 -12.16 -13.20
CA ILE B 339 45.23 -11.24 -12.46
C ILE B 339 45.79 -10.16 -13.39
N PRO B 340 46.18 -10.49 -14.62
CA PRO B 340 46.58 -9.44 -15.55
C PRO B 340 45.51 -8.36 -15.73
N VAL B 341 44.27 -8.78 -16.04
CA VAL B 341 43.18 -7.82 -16.13
C VAL B 341 43.05 -7.04 -14.84
N ALA B 342 43.05 -7.74 -13.70
CA ALA B 342 43.00 -7.06 -12.41
C ALA B 342 44.11 -6.04 -12.27
N GLU B 343 45.28 -6.30 -12.86
CA GLU B 343 46.39 -5.35 -12.73
C GLU B 343 46.16 -4.12 -13.59
N GLN B 344 45.52 -4.28 -14.76
CA GLN B 344 45.12 -3.11 -15.54
C GLN B 344 44.22 -2.20 -14.73
N MET B 345 43.26 -2.79 -14.00
CA MET B 345 42.36 -2.00 -13.17
C MET B 345 43.12 -1.22 -12.11
N ILE B 346 44.15 -1.83 -11.53
CA ILE B 346 44.98 -1.12 -10.57
C ILE B 346 45.64 0.10 -11.21
N ALA B 347 46.00 -0.01 -12.50
CA ALA B 347 46.61 1.09 -13.23
C ALA B 347 45.61 2.16 -13.64
N ASN B 348 44.31 1.91 -13.47
CA ASN B 348 43.27 2.84 -13.87
C ASN B 348 42.94 3.84 -12.76
N ARG B 349 43.82 3.99 -11.77
CA ARG B 349 43.56 4.88 -10.66
C ARG B 349 43.65 6.34 -11.09
N ASN B 350 42.73 7.16 -10.58
CA ASN B 350 42.72 8.58 -10.86
C ASN B 350 43.71 9.29 -9.94
N GLU B 351 43.73 10.62 -9.98
CA GLU B 351 44.73 11.37 -9.24
C GLU B 351 44.52 11.33 -7.73
N GLU B 352 43.39 10.82 -7.25
CA GLU B 352 43.15 10.65 -5.83
C GLU B 352 43.34 9.21 -5.37
N GLY B 353 43.80 8.34 -6.27
CA GLY B 353 44.01 6.94 -5.93
C GLY B 353 42.80 6.06 -6.00
N ILE B 354 41.72 6.52 -6.64
CA ILE B 354 40.48 5.76 -6.74
C ILE B 354 40.41 5.12 -8.12
N ILE B 355 40.12 3.81 -8.15
CA ILE B 355 39.95 3.13 -9.42
C ILE B 355 38.76 3.71 -10.16
N GLN B 356 38.89 3.85 -11.47
CA GLN B 356 37.90 4.54 -12.30
C GLN B 356 37.09 3.52 -13.10
N VAL B 357 36.10 4.04 -13.83
CA VAL B 357 35.05 3.20 -14.39
C VAL B 357 35.42 2.63 -15.77
N TYR B 358 36.14 3.40 -16.58
CA TYR B 358 36.38 3.02 -17.97
C TYR B 358 37.86 2.72 -18.22
N PHE B 359 38.09 1.80 -19.15
CA PHE B 359 39.44 1.56 -19.68
C PHE B 359 39.74 2.64 -20.73
N ASP B 360 39.89 3.86 -20.24
CA ASP B 360 40.16 5.02 -21.08
C ASP B 360 40.53 6.21 -20.23
N ASP B 361 41.78 6.65 -20.31
CA ASP B 361 42.26 7.77 -19.50
C ASP B 361 41.59 9.08 -19.89
N ASN B 362 40.82 9.12 -20.97
CA ASN B 362 40.11 10.31 -21.41
C ASN B 362 38.63 10.29 -21.05
N ARG B 363 38.15 9.22 -20.41
CA ARG B 363 36.78 9.19 -19.90
C ARG B 363 36.83 9.01 -18.39
N PRO B 364 37.58 9.87 -17.67
CA PRO B 364 37.76 9.65 -16.23
C PRO B 364 36.46 9.82 -15.45
N ARG B 365 35.98 8.73 -14.87
CA ARG B 365 34.76 8.75 -14.10
C ARG B 365 34.85 7.67 -13.02
N ILE B 366 34.26 7.95 -11.86
CA ILE B 366 34.30 7.06 -10.72
C ILE B 366 32.88 6.78 -10.25
N ASP B 367 32.67 5.55 -9.77
CA ASP B 367 31.37 5.11 -9.30
C ASP B 367 31.56 4.19 -8.11
N ALA B 368 30.83 4.47 -7.02
CA ALA B 368 31.02 3.69 -5.80
C ALA B 368 30.63 2.22 -5.98
N ILE B 369 29.55 1.96 -6.71
CA ILE B 369 29.14 0.58 -6.92
C ILE B 369 30.13 -0.14 -7.84
N VAL B 370 30.62 0.56 -8.86
CA VAL B 370 31.66 -0.02 -9.71
C VAL B 370 32.89 -0.34 -8.86
N ALA B 371 33.24 0.55 -7.93
CA ALA B 371 34.36 0.28 -7.04
C ALA B 371 34.09 -0.93 -6.15
N ILE B 372 32.84 -1.11 -5.74
CA ILE B 372 32.49 -2.26 -4.90
C ILE B 372 32.68 -3.55 -5.66
N ASN B 373 32.22 -3.60 -6.91
CA ASN B 373 32.36 -4.82 -7.70
C ASN B 373 33.80 -5.05 -8.14
N VAL B 374 34.59 -3.98 -8.29
CA VAL B 374 36.02 -4.15 -8.53
C VAL B 374 36.70 -4.68 -7.28
N LEU B 375 36.46 -4.03 -6.13
CA LEU B 375 37.04 -4.51 -4.89
C LEU B 375 36.67 -5.96 -4.62
N TYR B 376 35.48 -6.38 -5.03
CA TYR B 376 35.09 -7.77 -4.82
C TYR B 376 35.98 -8.71 -5.61
N LEU B 377 36.22 -8.38 -6.89
CA LEU B 377 37.10 -9.21 -7.70
C LEU B 377 38.51 -9.26 -7.12
N MET B 378 39.01 -8.11 -6.64
CA MET B 378 40.34 -8.08 -6.02
C MET B 378 40.44 -9.07 -4.87
N HIS B 379 39.54 -8.95 -3.89
CA HIS B 379 39.58 -9.85 -2.74
C HIS B 379 39.29 -11.29 -3.12
N GLN B 380 38.67 -11.52 -4.27
CA GLN B 380 38.39 -12.89 -4.71
C GLN B 380 39.61 -13.57 -5.33
N ILE B 381 40.59 -12.80 -5.78
CA ILE B 381 41.73 -13.33 -6.52
C ILE B 381 43.02 -13.24 -5.72
N GLY B 382 42.94 -12.81 -4.46
CA GLY B 382 44.12 -12.70 -3.62
C GLY B 382 44.72 -11.31 -3.53
N TYR B 383 44.27 -10.39 -4.37
CA TYR B 383 44.68 -8.99 -4.34
C TYR B 383 44.13 -8.23 -3.12
N GLY B 384 43.52 -8.94 -2.17
CA GLY B 384 42.79 -8.26 -1.10
C GLY B 384 43.60 -7.21 -0.37
N GLU B 385 44.90 -7.47 -0.15
CA GLU B 385 45.71 -6.62 0.70
C GLU B 385 46.72 -5.79 -0.09
N ARG B 386 46.44 -5.52 -1.37
CA ARG B 386 47.30 -4.64 -2.15
C ARG B 386 47.16 -3.21 -1.67
N LYS B 387 48.29 -2.52 -1.47
CA LYS B 387 48.27 -1.17 -0.94
C LYS B 387 47.56 -0.19 -1.88
N GLU B 388 47.36 -0.56 -3.14
CA GLU B 388 46.76 0.37 -4.10
C GLU B 388 45.25 0.45 -3.95
N LEU B 389 44.60 -0.55 -3.37
CA LEU B 389 43.16 -0.53 -3.16
C LEU B 389 42.76 0.36 -1.99
N LYS B 390 43.71 0.85 -1.19
CA LYS B 390 43.38 1.62 0.00
C LYS B 390 42.42 2.77 -0.32
N GLU B 391 42.82 3.65 -1.24
CA GLU B 391 41.98 4.82 -1.55
C GLU B 391 40.62 4.41 -2.08
N THR B 392 40.59 3.40 -2.96
CA THR B 392 39.32 2.95 -3.51
C THR B 392 38.42 2.41 -2.40
N GLU B 393 38.99 1.70 -1.43
CA GLU B 393 38.19 1.17 -0.33
C GLU B 393 37.67 2.30 0.55
N ALA B 394 38.52 3.28 0.89
CA ALA B 394 38.06 4.40 1.68
C ALA B 394 37.00 5.21 0.95
N PHE B 395 37.09 5.29 -0.38
CA PHE B 395 36.06 5.98 -1.16
C PHE B 395 34.69 5.38 -0.92
N VAL B 396 34.61 4.04 -0.91
CA VAL B 396 33.32 3.39 -0.69
C VAL B 396 32.88 3.54 0.76
N PHE B 397 33.83 3.48 1.70
CA PHE B 397 33.46 3.60 3.11
C PHE B 397 32.92 4.99 3.44
N ASP B 398 33.56 6.03 2.91
CA ASP B 398 33.05 7.38 3.13
C ASP B 398 31.71 7.57 2.44
N PHE B 399 31.54 6.98 1.25
CA PHE B 399 30.26 7.06 0.56
C PHE B 399 29.12 6.53 1.42
N LEU B 400 29.40 5.54 2.28
CA LEU B 400 28.39 5.00 3.16
C LEU B 400 28.27 5.83 4.43
N ILE B 401 29.39 6.03 5.13
CA ILE B 401 29.35 6.70 6.43
C ILE B 401 28.80 8.12 6.30
N SER B 402 29.17 8.83 5.24
CA SER B 402 28.70 10.18 5.02
C SER B 402 27.26 10.25 4.57
N LYS B 403 26.58 9.11 4.44
CA LYS B 403 25.21 9.04 3.94
C LYS B 403 25.06 9.68 2.57
N GLU B 404 26.16 9.84 1.83
CA GLU B 404 26.09 10.35 0.47
C GLU B 404 25.50 9.35 -0.51
N TYR B 405 25.29 8.10 -0.08
CA TYR B 405 24.67 7.10 -0.95
C TYR B 405 23.20 7.41 -1.21
N LEU B 406 22.59 8.27 -0.40
CA LEU B 406 21.19 8.63 -0.60
C LEU B 406 20.97 9.39 -1.90
N LYS B 407 22.01 10.05 -2.41
CA LYS B 407 21.96 10.68 -3.72
C LYS B 407 22.28 9.71 -4.85
N GLY B 408 22.44 8.42 -4.55
CA GLY B 408 22.75 7.43 -5.55
C GLY B 408 24.16 7.56 -6.12
N THR B 409 24.58 6.57 -6.90
CA THR B 409 25.85 6.62 -7.60
C THR B 409 25.66 7.28 -8.95
N ARG B 410 26.76 7.41 -9.71
CA ARG B 410 26.67 8.04 -11.02
C ARG B 410 25.71 7.29 -11.93
N TYR B 411 25.82 5.97 -11.98
CA TYR B 411 25.01 5.15 -12.86
C TYR B 411 23.91 4.37 -12.16
N TYR B 412 23.95 4.30 -10.82
CA TYR B 412 22.90 3.68 -10.03
C TYR B 412 22.23 4.74 -9.18
N PRO B 413 20.99 5.15 -9.49
CA PRO B 413 20.35 6.22 -8.71
C PRO B 413 19.63 5.72 -7.47
N ALA B 414 19.28 4.44 -7.43
CA ALA B 414 18.56 3.89 -6.29
C ALA B 414 19.50 3.63 -5.13
N PRO B 415 19.29 4.26 -3.97
CA PRO B 415 20.24 4.07 -2.86
C PRO B 415 20.34 2.63 -2.39
N ASP B 416 19.22 1.89 -2.39
CA ASP B 416 19.27 0.50 -1.93
C ASP B 416 20.16 -0.36 -2.80
N VAL B 417 20.42 0.04 -4.04
CA VAL B 417 21.32 -0.73 -4.89
C VAL B 417 22.73 -0.71 -4.33
N PHE B 418 23.21 0.47 -3.94
CA PHE B 418 24.55 0.58 -3.36
C PHE B 418 24.67 -0.24 -2.08
N LEU B 419 23.68 -0.14 -1.19
CA LEU B 419 23.71 -0.92 0.03
C LEU B 419 23.73 -2.41 -0.27
N PHE B 420 22.97 -2.86 -1.28
CA PHE B 420 22.93 -4.26 -1.62
C PHE B 420 24.30 -4.77 -2.04
N PHE B 421 24.85 -4.20 -3.12
CA PHE B 421 26.14 -4.68 -3.61
C PHE B 421 27.25 -4.53 -2.58
N LEU B 422 27.16 -3.51 -1.71
CA LEU B 422 28.11 -3.40 -0.62
C LEU B 422 27.96 -4.57 0.35
N SER B 423 26.73 -5.03 0.57
CA SER B 423 26.51 -6.12 1.51
C SER B 423 27.19 -7.40 1.03
N ARG B 424 27.23 -7.62 -0.28
CA ARG B 424 27.93 -8.78 -0.82
C ARG B 424 29.40 -8.74 -0.44
N LEU B 425 30.07 -7.62 -0.72
CA LEU B 425 31.49 -7.50 -0.41
C LEU B 425 31.73 -7.66 1.09
N VAL B 426 30.84 -7.12 1.93
CA VAL B 426 31.07 -7.14 3.36
C VAL B 426 30.77 -8.51 3.96
N VAL B 427 29.84 -9.25 3.38
CA VAL B 427 29.48 -10.56 3.92
C VAL B 427 30.40 -11.66 3.38
N ASP B 428 30.85 -11.55 2.13
CA ASP B 428 31.68 -12.58 1.53
C ASP B 428 33.16 -12.44 1.87
N PHE B 429 33.59 -11.29 2.41
CA PHE B 429 34.96 -11.09 2.86
C PHE B 429 34.93 -10.38 4.20
N PRO B 430 34.37 -11.01 5.23
CA PRO B 430 34.19 -10.33 6.51
C PRO B 430 35.49 -9.92 7.18
N ASP B 431 36.57 -10.68 6.98
CA ASP B 431 37.82 -10.37 7.66
C ASP B 431 38.37 -9.02 7.22
N GLN B 432 38.17 -8.65 5.96
CA GLN B 432 38.73 -7.44 5.41
C GLN B 432 37.76 -6.26 5.39
N PHE B 433 36.53 -6.44 5.90
CA PHE B 433 35.54 -5.37 5.87
C PHE B 433 34.73 -5.29 7.15
N GLU B 434 35.30 -5.73 8.28
CA GLU B 434 34.53 -5.78 9.52
C GLU B 434 34.03 -4.39 9.93
N LYS B 435 34.75 -3.33 9.56
CA LYS B 435 34.29 -2.00 9.93
C LYS B 435 33.11 -1.52 9.09
N PHE B 436 32.75 -2.25 8.04
CA PHE B 436 31.60 -1.91 7.20
C PHE B 436 30.29 -2.47 7.74
N HIS B 437 30.34 -3.55 8.53
CA HIS B 437 29.14 -4.28 8.92
C HIS B 437 28.12 -3.38 9.61
N LYS B 438 28.39 -2.98 10.86
CA LYS B 438 27.39 -2.24 11.62
C LYS B 438 26.93 -0.96 10.93
N PRO B 439 27.80 -0.14 10.35
CA PRO B 439 27.30 1.05 9.63
C PRO B 439 26.33 0.69 8.52
N LEU B 440 26.63 -0.38 7.78
CA LEU B 440 25.76 -0.79 6.68
C LEU B 440 24.41 -1.29 7.20
N THR B 441 24.44 -2.18 8.21
CA THR B 441 23.19 -2.73 8.71
C THR B 441 22.30 -1.66 9.33
N GLU B 442 22.89 -0.65 9.96
CA GLU B 442 22.09 0.46 10.48
C GLU B 442 21.30 1.11 9.35
N MET B 443 21.97 1.43 8.25
CA MET B 443 21.30 2.08 7.13
C MET B 443 20.15 1.23 6.62
N LEU B 444 20.40 -0.07 6.42
CA LEU B 444 19.36 -0.94 5.86
C LEU B 444 18.16 -1.03 6.79
N ILE B 445 18.39 -1.08 8.10
CA ILE B 445 17.29 -1.18 9.05
C ILE B 445 16.39 0.05 8.94
N THR B 446 16.99 1.24 8.91
CA THR B 446 16.21 2.47 8.83
C THR B 446 15.44 2.59 7.52
N ARG B 447 15.85 1.85 6.49
CA ARG B 447 15.22 1.95 5.17
C ARG B 447 14.22 0.83 4.91
N VAL B 448 13.86 0.04 5.93
CA VAL B 448 12.90 -1.03 5.72
C VAL B 448 11.55 -0.42 5.35
N ASN B 449 11.00 -0.88 4.22
CA ASN B 449 9.69 -0.46 3.75
C ASN B 449 9.65 1.00 3.33
N CYS B 450 10.79 1.58 2.95
CA CYS B 450 10.86 2.99 2.60
C CYS B 450 10.58 3.26 1.12
N SER B 451 10.31 2.22 0.34
CA SER B 451 9.98 2.40 -1.07
C SER B 451 9.05 1.27 -1.50
N THR B 452 8.48 1.43 -2.69
CA THR B 452 7.45 0.52 -3.18
C THR B 452 7.93 -0.40 -4.30
N PHE B 453 8.93 0.00 -5.07
CA PHE B 453 9.38 -0.78 -6.20
C PHE B 453 9.83 -2.16 -5.75
N PRO B 454 9.24 -3.25 -6.28
CA PRO B 454 9.59 -4.59 -5.77
C PRO B 454 11.08 -4.88 -5.77
N LEU B 455 11.80 -4.47 -6.82
CA LEU B 455 13.23 -4.74 -6.87
C LEU B 455 13.95 -4.11 -5.69
N GLU B 456 13.58 -2.87 -5.34
CA GLU B 456 14.19 -2.23 -4.17
C GLU B 456 13.84 -2.99 -2.89
N ARG B 457 12.62 -3.53 -2.82
CA ARG B 457 12.25 -4.36 -1.68
C ARG B 457 13.11 -5.62 -1.63
N ALA B 458 13.17 -6.36 -2.73
CA ALA B 458 13.94 -7.60 -2.78
C ALA B 458 15.38 -7.35 -2.33
N LEU B 459 15.99 -6.26 -2.80
CA LEU B 459 17.34 -5.92 -2.37
C LEU B 459 17.43 -5.83 -0.85
N ARG B 460 16.59 -4.98 -0.25
CA ARG B 460 16.61 -4.83 1.20
C ARG B 460 16.38 -6.17 1.90
N ILE B 461 15.42 -6.96 1.40
CA ILE B 461 15.16 -8.28 1.99
C ILE B 461 16.42 -9.12 1.96
N ILE B 462 17.10 -9.16 0.81
CA ILE B 462 18.29 -10.01 0.67
C ILE B 462 19.42 -9.49 1.53
N ALA B 463 19.81 -8.23 1.34
CA ALA B 463 20.94 -7.68 2.06
C ALA B 463 20.80 -7.88 3.56
N LEU B 464 19.66 -7.46 4.12
CA LEU B 464 19.47 -7.58 5.57
C LEU B 464 19.62 -9.02 6.03
N LYS B 465 19.04 -9.98 5.29
CA LYS B 465 19.15 -11.37 5.69
C LYS B 465 20.60 -11.83 5.71
N LYS B 466 21.35 -11.54 4.64
CA LYS B 466 22.77 -11.83 4.62
C LYS B 466 23.48 -11.22 5.82
N LEU B 467 23.00 -10.06 6.29
CA LEU B 467 23.54 -9.41 7.47
C LEU B 467 22.89 -9.91 8.76
N GLY B 468 22.11 -10.99 8.69
CA GLY B 468 21.59 -11.63 9.87
C GLY B 468 20.30 -11.08 10.45
N ILE B 469 19.53 -10.33 9.66
CA ILE B 469 18.28 -9.75 10.13
C ILE B 469 17.18 -10.09 9.13
N VAL B 470 16.06 -10.60 9.64
CA VAL B 470 14.94 -11.00 8.80
C VAL B 470 14.01 -9.81 8.61
N ASN B 471 13.80 -9.43 7.35
CA ASN B 471 12.93 -8.31 6.98
C ASN B 471 11.70 -8.89 6.27
N ARG B 472 10.64 -9.15 7.04
CA ARG B 472 9.43 -9.74 6.51
C ARG B 472 8.45 -8.71 5.98
N VAL B 473 8.59 -7.44 6.37
CA VAL B 473 7.71 -6.38 5.88
C VAL B 473 7.84 -6.28 4.37
N ASP B 474 9.01 -5.84 3.89
CA ASP B 474 9.26 -5.77 2.45
C ASP B 474 8.93 -7.09 1.77
N PHE B 475 9.15 -8.22 2.46
CA PHE B 475 8.84 -9.52 1.88
C PHE B 475 7.34 -9.65 1.59
N LEU B 476 6.51 -9.27 2.56
CA LEU B 476 5.06 -9.34 2.36
C LEU B 476 4.64 -8.48 1.18
N LYS B 477 4.90 -7.17 1.27
CA LYS B 477 4.49 -6.23 0.23
C LYS B 477 5.16 -6.53 -1.11
N LEU B 478 6.19 -7.37 -1.13
CA LEU B 478 6.74 -7.83 -2.40
C LEU B 478 5.80 -8.82 -3.06
N LEU B 479 5.22 -9.73 -2.28
CA LEU B 479 4.31 -10.72 -2.85
C LEU B 479 3.09 -10.07 -3.50
N ASP B 480 2.72 -8.88 -3.04
CA ASP B 480 1.54 -8.21 -3.59
C ASP B 480 1.82 -7.66 -4.98
N THR B 481 3.00 -7.11 -5.21
CA THR B 481 3.31 -6.48 -6.49
C THR B 481 3.54 -7.48 -7.61
N GLN B 482 3.46 -8.78 -7.35
CA GLN B 482 3.57 -9.76 -8.42
C GLN B 482 2.34 -9.70 -9.32
N LEU B 483 2.55 -9.81 -10.63
CA LEU B 483 1.46 -9.78 -11.58
C LEU B 483 0.93 -11.19 -11.82
N ALA B 484 -0.20 -11.26 -12.52
CA ALA B 484 -0.92 -12.52 -12.67
C ALA B 484 -0.19 -13.54 -13.54
N ASP B 485 0.83 -13.14 -14.30
CA ASP B 485 1.62 -14.06 -15.10
C ASP B 485 2.92 -14.47 -14.41
N GLY B 486 3.02 -14.26 -13.10
CA GLY B 486 4.17 -14.65 -12.33
C GLY B 486 5.27 -13.61 -12.24
N GLY B 487 5.42 -12.78 -13.26
CA GLY B 487 6.50 -11.81 -13.26
C GLY B 487 6.14 -10.53 -12.51
N TRP B 488 7.18 -9.82 -12.09
CA TRP B 488 7.07 -8.52 -11.45
C TRP B 488 7.23 -7.41 -12.48
N PRO B 489 6.86 -6.18 -12.13
CA PRO B 489 6.95 -5.08 -13.09
C PRO B 489 8.40 -4.75 -13.44
N VAL B 490 8.57 -4.16 -14.61
CA VAL B 490 9.89 -3.73 -15.05
C VAL B 490 10.44 -2.69 -14.07
N TYR B 491 11.77 -2.58 -14.01
CA TYR B 491 12.44 -1.64 -13.12
C TYR B 491 13.73 -1.17 -13.79
N GLY B 492 14.04 0.11 -13.61
CA GLY B 492 15.26 0.67 -14.16
C GLY B 492 16.43 0.57 -13.20
N LEU B 493 17.31 -0.41 -13.42
CA LEU B 493 18.39 -0.67 -12.46
C LEU B 493 19.53 0.33 -12.62
N PHE B 494 19.95 0.61 -13.85
CA PHE B 494 21.05 1.52 -14.12
C PHE B 494 20.67 2.48 -15.22
N ILE B 495 21.38 3.61 -15.28
CA ILE B 495 21.07 4.70 -16.20
C ILE B 495 22.31 5.14 -16.93
N ALA B 496 22.11 5.63 -18.16
CA ALA B 496 23.14 6.39 -18.86
C ALA B 496 22.97 7.85 -18.45
N PRO B 497 23.85 8.40 -17.62
CA PRO B 497 23.53 9.67 -16.94
C PRO B 497 23.37 10.88 -17.86
N ARG B 498 24.31 11.09 -18.80
CA ARG B 498 24.29 12.31 -19.59
C ARG B 498 22.97 12.50 -20.34
N SER B 499 22.29 11.40 -20.69
CA SER B 499 20.99 11.48 -21.33
C SER B 499 19.85 11.03 -20.43
N ASN B 500 20.15 10.58 -19.21
CA ASN B 500 19.15 10.12 -18.25
C ASN B 500 18.26 9.05 -18.89
N THR B 501 18.88 7.89 -19.11
CA THR B 501 18.25 6.77 -19.81
C THR B 501 18.32 5.53 -18.92
N TYR B 502 17.15 5.03 -18.53
CA TYR B 502 17.07 3.87 -17.65
C TYR B 502 17.06 2.58 -18.46
N PHE B 503 17.77 1.58 -17.96
CA PHE B 503 17.74 0.22 -18.50
C PHE B 503 17.07 -0.70 -17.49
N GLY B 504 16.25 -1.62 -17.98
CA GLY B 504 15.56 -2.52 -17.09
C GLY B 504 14.85 -3.62 -17.86
N SER B 505 14.20 -4.50 -17.10
CA SER B 505 13.49 -5.63 -17.69
C SER B 505 12.70 -6.33 -16.60
N ARG B 506 11.63 -7.02 -17.00
CA ARG B 506 10.89 -7.82 -16.02
C ARG B 506 11.72 -8.98 -15.52
N GLU B 507 12.69 -9.44 -16.30
CA GLU B 507 13.59 -10.50 -15.85
C GLU B 507 14.39 -10.05 -14.65
N LEU B 508 15.09 -8.91 -14.77
CA LEU B 508 15.85 -8.37 -13.65
C LEU B 508 14.99 -8.28 -12.39
N SER B 509 13.76 -7.77 -12.52
CA SER B 509 12.90 -7.65 -11.35
C SER B 509 12.49 -9.01 -10.83
N THR B 510 11.96 -9.87 -11.69
CA THR B 510 11.52 -11.19 -11.23
C THR B 510 12.67 -11.97 -10.63
N ALA B 511 13.88 -11.82 -11.19
CA ALA B 511 15.03 -12.51 -10.64
C ALA B 511 15.26 -12.14 -9.18
N PHE B 512 15.41 -10.85 -8.90
CA PHE B 512 15.67 -10.41 -7.53
C PHE B 512 14.51 -10.76 -6.60
N ALA B 513 13.27 -10.54 -7.05
CA ALA B 513 12.13 -10.91 -6.23
C ALA B 513 12.17 -12.38 -5.85
N LEU B 514 12.50 -13.25 -6.82
CA LEU B 514 12.53 -14.68 -6.54
C LEU B 514 13.61 -15.02 -5.52
N GLU B 515 14.79 -14.40 -5.64
CA GLU B 515 15.86 -14.66 -4.68
C GLU B 515 15.45 -14.22 -3.28
N ALA B 516 14.81 -13.05 -3.16
CA ALA B 516 14.32 -12.61 -1.86
C ALA B 516 13.37 -13.64 -1.25
N LEU B 517 12.50 -14.22 -2.07
CA LEU B 517 11.61 -15.27 -1.57
C LEU B 517 12.42 -16.49 -1.13
N HIS B 518 13.42 -16.87 -1.92
CA HIS B 518 14.21 -18.05 -1.59
C HIS B 518 15.02 -17.84 -0.31
N ILE B 519 15.61 -16.66 -0.15
CA ILE B 519 16.46 -16.39 1.00
C ILE B 519 15.69 -16.32 2.32
N LEU B 520 14.36 -16.21 2.27
CA LEU B 520 13.54 -16.19 3.47
C LEU B 520 12.74 -17.48 3.66
N SER B 521 12.87 -18.43 2.75
CA SER B 521 12.12 -19.68 2.85
C SER B 521 12.57 -20.49 4.06
#